data_7KW6
#
_entry.id   7KW6
#
_cell.length_a   59.537
_cell.length_b   98.980
_cell.length_c   59.910
_cell.angle_alpha   90.000
_cell.angle_beta   103.136
_cell.angle_gamma   90.000
#
_symmetry.space_group_name_H-M   'P 1 21 1'
#
loop_
_entity.id
_entity.type
_entity.pdbx_description
1 polymer Exoglucanase-2
2 branched beta-D-glucopyranose-(1-4)-beta-D-glucopyranose
3 branched beta-D-glucopyranose-(1-4)-beta-D-glucopyranose-(1-4)-beta-D-glucopyranose-(1-4)-beta-D-glucopyranose
4 non-polymer 1,2-ETHANEDIOL
5 non-polymer 'CALCIUM ION'
6 water water
#
_entity_poly.entity_id   1
_entity_poly.type   'polypeptide(L)'
_entity_poly.pdbx_seq_one_letter_code
;MDNKTRFMQLYEQIKNPNNGYFSPEGIPYHSVETLICEAPDYGHMTTSEAYSYWLWLEAMYGRYTQDWSKLEAAWDNMEK
YIIPVNEGDNNEEQPTMNYYNPSSPATYAAEHPYPDLYPSALTGQYPAGNDPLDAELKATYGSNETYLMHWLLDVDNWYG
FGNLLNPSHTAVYVNTYQRGEQESVWETVPHPSQDNQTFGKPNEGFMSLFTKENQAPAPQWRYTNATDADARAVQAMFWA
RQWGYSNTNYLEKAKKMGDFLRYGMYDKYFQEIGSAADGSPSRGAGKNACHYLMAWYTAWGGGLGQYANWAWRIGASHVH
QGYQNPVASYALSTAEGGLIPNSSTARSDWEKALKRQLELYTWLLSSEGAVAGGATNSWNGNYSAYPQNVSTFYEMAYTE
APVYHDPPSNNWFGMQVWPLERVAELYYIFAEKGDKSSESFHMAKHVIEKWIAYSLDYVFVGERPVTDEEGYYLNDAGER
VLGGQNPQIAVQSDPGEFWIPANLEWSGQPDPWKGFDSFTGNPGLHVTTKNPSQDVGVLGSYIKTLVFFAAGTKAETGGF
TALGNKAKNLAKELLDAAWSKNDGIGIAAEEEHEDYIRYFTKEIYFPNGWSGRNGQGNTIPGPNTVPSDPAKGGNGVYIS
HAELRPKIKNDPMWPYLENKYQTSWNPNTGKWENGLPTFVYHRFWSQVDMATAYAEYDRLIGNA
;
_entity_poly.pdbx_strand_id   A
#
loop_
_chem_comp.id
_chem_comp.type
_chem_comp.name
_chem_comp.formula
BGC D-saccharide, beta linking beta-D-glucopyranose 'C6 H12 O6'
CA non-polymer 'CALCIUM ION' 'Ca 2'
EDO non-polymer 1,2-ETHANEDIOL 'C2 H6 O2'
#
# COMPACT_ATOMS: atom_id res chain seq x y z
N ASP A 2 19.63 24.95 -3.65
CA ASP A 2 19.34 24.96 -2.20
C ASP A 2 18.13 24.05 -1.89
N ASN A 3 18.37 23.04 -1.06
CA ASN A 3 17.34 22.01 -0.97
C ASN A 3 16.16 22.44 -0.12
N LYS A 4 16.36 23.37 0.81
CA LYS A 4 15.20 23.93 1.50
C LYS A 4 14.30 24.70 0.53
N THR A 5 14.91 25.47 -0.35
CA THR A 5 14.16 26.25 -1.33
C THR A 5 13.44 25.33 -2.30
N ARG A 6 14.09 24.22 -2.66
CA ARG A 6 13.46 23.26 -3.56
C ARG A 6 12.27 22.61 -2.88
N PHE A 7 12.39 22.27 -1.60
CA PHE A 7 11.21 21.76 -0.92
C PHE A 7 10.09 22.76 -1.02
N MET A 8 10.38 24.04 -0.69
CA MET A 8 9.30 25.02 -0.63
C MET A 8 8.72 25.25 -2.02
N GLN A 9 9.56 25.23 -3.07
CA GLN A 9 9.04 25.41 -4.42
C GLN A 9 8.10 24.27 -4.80
N LEU A 10 8.50 23.04 -4.51
CA LEU A 10 7.66 21.90 -4.88
C LEU A 10 6.38 21.88 -4.05
N TYR A 11 6.49 22.22 -2.75
CA TYR A 11 5.32 22.40 -1.91
C TYR A 11 4.35 23.38 -2.56
N GLU A 12 4.85 24.56 -2.94
CA GLU A 12 4.00 25.57 -3.54
C GLU A 12 3.32 25.01 -4.79
N GLN A 13 4.04 24.24 -5.59
CA GLN A 13 3.43 23.68 -6.79
C GLN A 13 2.30 22.73 -6.43
N ILE A 14 2.53 21.86 -5.44
CA ILE A 14 1.51 20.88 -5.05
C ILE A 14 0.25 21.60 -4.55
N LYS A 15 0.43 22.67 -3.77
CA LYS A 15 -0.70 23.36 -3.17
C LYS A 15 -1.32 24.41 -4.09
N ASN A 16 -0.73 24.69 -5.23
CA ASN A 16 -1.24 25.73 -6.13
C ASN A 16 -2.52 25.27 -6.78
N PRO A 17 -3.66 25.94 -6.56
CA PRO A 17 -4.94 25.45 -7.14
C PRO A 17 -4.90 25.30 -8.64
N ASN A 18 -4.08 26.11 -9.33
CA ASN A 18 -4.00 26.01 -10.78
C ASN A 18 -3.36 24.71 -11.25
N ASN A 19 -2.66 24.01 -10.38
CA ASN A 19 -1.97 22.82 -10.83
C ASN A 19 -2.83 21.56 -10.74
N GLY A 20 -3.98 21.61 -10.09
CA GLY A 20 -4.91 20.52 -10.22
C GLY A 20 -4.68 19.32 -9.33
N TYR A 21 -3.85 19.42 -8.28
CA TYR A 21 -3.67 18.27 -7.40
C TYR A 21 -4.84 18.03 -6.45
N PHE A 22 -5.74 19.00 -6.27
CA PHE A 22 -6.81 18.88 -5.29
C PHE A 22 -8.16 19.18 -5.93
N SER A 23 -9.21 18.53 -5.42
CA SER A 23 -10.58 18.76 -5.87
C SER A 23 -11.16 20.05 -5.27
N PRO A 24 -12.33 20.47 -5.77
CA PRO A 24 -13.00 21.62 -5.16
C PRO A 24 -13.34 21.42 -3.71
N GLU A 25 -13.42 20.19 -3.22
CA GLU A 25 -13.64 19.96 -1.79
C GLU A 25 -12.34 19.99 -0.98
N GLY A 26 -11.20 20.23 -1.63
CA GLY A 26 -9.96 20.32 -0.88
C GLY A 26 -9.31 19.00 -0.68
N ILE A 27 -9.76 17.98 -1.42
CA ILE A 27 -9.31 16.59 -1.27
C ILE A 27 -8.20 16.35 -2.29
N PRO A 28 -7.06 15.75 -1.90
CA PRO A 28 -5.99 15.47 -2.89
C PRO A 28 -6.41 14.35 -3.81
N TYR A 29 -6.15 14.50 -5.10
CA TYR A 29 -6.43 13.39 -6.01
C TYR A 29 -5.27 12.41 -5.99
N HIS A 30 -5.52 11.20 -6.49
CA HIS A 30 -4.40 10.30 -6.75
C HIS A 30 -3.37 10.99 -7.62
N SER A 31 -3.83 11.59 -8.73
CA SER A 31 -2.92 12.25 -9.67
C SER A 31 -3.66 13.41 -10.34
N VAL A 32 -2.89 14.36 -10.85
CA VAL A 32 -3.48 15.45 -11.61
C VAL A 32 -4.23 14.92 -12.82
N GLU A 33 -3.63 13.96 -13.49
CA GLU A 33 -4.17 13.39 -14.71
C GLU A 33 -5.24 12.34 -14.37
N THR A 34 -6.22 12.21 -15.25
CA THR A 34 -7.34 11.29 -15.03
C THR A 34 -7.15 9.89 -15.61
N LEU A 35 -6.58 9.79 -16.81
CA LEU A 35 -6.43 8.47 -17.45
C LEU A 35 -5.17 7.81 -16.89
N ILE A 36 -5.37 6.97 -15.88
CA ILE A 36 -4.30 6.24 -15.22
C ILE A 36 -4.96 5.07 -14.49
N CYS A 37 -4.27 3.93 -14.46
CA CYS A 37 -4.87 2.75 -13.84
C CYS A 37 -3.75 1.86 -13.33
N GLU A 38 -3.69 1.66 -12.00
CA GLU A 38 -2.50 1.00 -11.44
C GLU A 38 -2.75 0.45 -10.03
N ALA A 39 -3.57 1.13 -9.24
CA ALA A 39 -3.98 0.63 -7.91
C ALA A 39 -5.39 1.20 -7.65
N PRO A 40 -5.60 2.52 -7.61
CA PRO A 40 -6.89 3.06 -8.06
C PRO A 40 -6.94 2.88 -9.56
N ASP A 41 -8.13 2.95 -10.14
CA ASP A 41 -8.28 2.72 -11.58
C ASP A 41 -8.70 3.99 -12.35
N TYR A 42 -8.64 5.14 -11.69
CA TYR A 42 -8.96 6.44 -12.28
C TYR A 42 -8.19 7.49 -11.50
N GLY A 43 -7.66 8.51 -12.21
CA GLY A 43 -6.70 9.42 -11.61
C GLY A 43 -7.32 10.33 -10.55
N HIS A 44 -8.62 10.58 -10.66
CA HIS A 44 -9.30 11.40 -9.67
C HIS A 44 -10.10 10.56 -8.66
N MET A 45 -9.83 9.25 -8.57
CA MET A 45 -9.96 8.65 -7.24
C MET A 45 -8.95 9.30 -6.29
N THR A 46 -9.08 9.00 -5.00
CA THR A 46 -7.94 9.20 -4.13
C THR A 46 -7.93 8.08 -3.11
N THR A 47 -6.88 8.07 -2.29
CA THR A 47 -6.60 6.93 -1.43
C THR A 47 -6.24 7.39 -0.01
N SER A 48 -6.34 6.48 0.94
CA SER A 48 -5.82 6.84 2.25
C SER A 48 -4.32 7.03 2.17
N GLU A 49 -3.69 6.35 1.23
CA GLU A 49 -2.28 6.59 0.93
C GLU A 49 -2.03 8.08 0.65
N ALA A 50 -2.79 8.67 -0.29
CA ALA A 50 -2.63 10.07 -0.64
C ALA A 50 -2.80 10.98 0.58
N TYR A 51 -3.84 10.74 1.40
CA TYR A 51 -3.98 11.51 2.63
C TYR A 51 -2.78 11.37 3.55
N SER A 52 -2.27 10.14 3.72
CA SER A 52 -1.14 9.99 4.66
C SER A 52 0.08 10.78 4.16
N TYR A 53 0.29 10.82 2.85
CA TYR A 53 1.37 11.63 2.32
C TYR A 53 1.10 13.10 2.49
N TRP A 54 -0.17 13.52 2.39
CA TRP A 54 -0.48 14.92 2.59
C TRP A 54 -0.10 15.35 3.99
N LEU A 55 -0.41 14.50 4.98
CA LEU A 55 -0.01 14.81 6.35
C LEU A 55 1.50 14.92 6.46
N TRP A 56 2.23 14.01 5.81
CA TRP A 56 3.68 14.05 5.89
C TRP A 56 4.20 15.35 5.32
N LEU A 57 3.66 15.75 4.17
CA LEU A 57 4.06 17.02 3.56
C LEU A 57 3.79 18.20 4.51
N GLU A 58 2.59 18.28 5.08
CA GLU A 58 2.27 19.40 5.97
C GLU A 58 3.05 19.34 7.27
N ALA A 59 3.47 18.14 7.73
CA ALA A 59 4.33 18.11 8.90
C ALA A 59 5.70 18.74 8.62
N MET A 60 6.27 18.47 7.43
CA MET A 60 7.53 19.10 7.04
C MET A 60 7.35 20.61 6.83
N TYR A 61 6.21 21.03 6.29
CA TYR A 61 5.96 22.48 6.19
C TYR A 61 5.94 23.12 7.56
N GLY A 62 5.23 22.48 8.51
CA GLY A 62 5.24 22.96 9.89
C GLY A 62 6.63 23.02 10.51
N ARG A 63 7.47 22.02 10.22
CA ARG A 63 8.82 22.08 10.80
C ARG A 63 9.53 23.38 10.41
N TYR A 64 9.47 23.75 9.14
CA TYR A 64 10.19 24.95 8.69
C TYR A 64 9.53 26.23 9.21
N THR A 65 8.20 26.29 9.17
CA THR A 65 7.48 27.55 9.36
C THR A 65 6.91 27.75 10.75
N GLN A 66 6.81 26.67 11.55
CA GLN A 66 6.01 26.59 12.76
C GLN A 66 4.55 26.98 12.51
N ASP A 67 4.07 26.88 11.27
CA ASP A 67 2.65 27.07 10.95
C ASP A 67 2.02 25.68 10.88
N TRP A 68 1.39 25.27 11.96
CA TRP A 68 0.81 23.92 12.05
C TRP A 68 -0.65 23.93 11.61
N SER A 69 -1.16 25.08 11.18
CA SER A 69 -2.55 25.14 10.78
C SER A 69 -2.79 24.31 9.53
N LYS A 70 -1.74 24.13 8.70
CA LYS A 70 -1.90 23.33 7.47
C LYS A 70 -2.03 21.84 7.79
N LEU A 71 -1.17 21.33 8.69
CA LEU A 71 -1.34 19.95 9.16
C LEU A 71 -2.74 19.74 9.73
N GLU A 72 -3.23 20.70 10.54
CA GLU A 72 -4.56 20.51 11.13
C GLU A 72 -5.65 20.57 10.05
N ALA A 73 -5.51 21.43 9.06
CA ALA A 73 -6.52 21.47 8.00
C ALA A 73 -6.55 20.15 7.22
N ALA A 74 -5.37 19.56 7.00
CA ALA A 74 -5.28 18.29 6.32
C ALA A 74 -5.92 17.19 7.16
N TRP A 75 -5.65 17.18 8.46
CA TRP A 75 -6.28 16.19 9.34
C TRP A 75 -7.80 16.37 9.34
N ASP A 76 -8.27 17.63 9.42
CA ASP A 76 -9.72 17.89 9.39
C ASP A 76 -10.33 17.34 8.10
N ASN A 77 -9.66 17.56 6.99
CA ASN A 77 -10.22 17.16 5.70
C ASN A 77 -10.27 15.63 5.58
N MET A 78 -9.17 14.95 5.97
CA MET A 78 -9.18 13.50 6.15
C MET A 78 -10.35 13.03 6.99
N GLU A 79 -10.52 13.61 8.19
CA GLU A 79 -11.58 13.14 9.05
C GLU A 79 -12.96 13.38 8.42
N LYS A 80 -13.12 14.47 7.67
CA LYS A 80 -14.42 14.80 7.11
C LYS A 80 -14.79 13.85 5.98
N TYR A 81 -13.83 13.52 5.09
CA TYR A 81 -14.16 12.84 3.85
C TYR A 81 -13.77 11.36 3.77
N ILE A 82 -12.84 10.86 4.60
CA ILE A 82 -12.36 9.50 4.35
C ILE A 82 -12.31 8.62 5.61
N ILE A 83 -12.45 9.22 6.79
CA ILE A 83 -12.69 8.44 8.02
C ILE A 83 -14.18 8.42 8.29
N PRO A 84 -14.85 7.28 8.22
CA PRO A 84 -16.33 7.28 8.28
C PRO A 84 -16.87 7.28 9.70
N VAL A 85 -16.66 8.39 10.39
CA VAL A 85 -17.06 8.49 11.80
C VAL A 85 -18.03 9.65 11.99
N ASN A 90 -24.04 15.78 11.51
CA ASN A 90 -24.21 14.59 12.38
C ASN A 90 -24.67 13.35 11.59
N ASN A 91 -23.77 12.83 10.77
CA ASN A 91 -24.06 11.72 9.87
C ASN A 91 -23.40 10.45 10.39
N GLU A 92 -24.22 9.43 10.64
CA GLU A 92 -23.71 8.14 11.10
C GLU A 92 -23.24 7.34 9.88
N GLU A 93 -21.94 7.22 9.74
CA GLU A 93 -21.37 6.51 8.59
C GLU A 93 -20.99 5.08 8.89
N GLN A 94 -21.09 4.64 10.17
CA GLN A 94 -21.02 3.22 10.52
C GLN A 94 -22.23 2.89 11.37
N PRO A 95 -23.42 2.92 10.78
CA PRO A 95 -24.65 3.07 11.59
C PRO A 95 -25.00 1.89 12.48
N THR A 96 -24.48 0.68 12.24
CA THR A 96 -24.77 -0.45 13.13
C THR A 96 -23.53 -1.00 13.82
N MET A 97 -22.43 -0.25 13.85
CA MET A 97 -21.20 -0.78 14.45
C MET A 97 -21.45 -1.25 15.88
N ASN A 98 -22.38 -0.59 16.59
CA ASN A 98 -22.66 -0.97 17.96
C ASN A 98 -23.30 -2.34 18.11
N TYR A 99 -23.81 -2.92 17.03
CA TYR A 99 -24.37 -4.26 17.08
C TYR A 99 -23.34 -5.35 16.89
N TYR A 100 -22.09 -4.97 16.61
CA TYR A 100 -21.00 -5.92 16.42
C TYR A 100 -20.88 -6.87 17.61
N ASN A 101 -20.69 -8.16 17.31
CA ASN A 101 -20.50 -9.16 18.37
C ASN A 101 -19.06 -9.64 18.38
N PRO A 102 -18.22 -9.16 19.30
CA PRO A 102 -16.80 -9.58 19.28
C PRO A 102 -16.60 -11.06 19.61
N SER A 103 -17.61 -11.76 20.16
CA SER A 103 -17.49 -13.21 20.32
C SER A 103 -17.78 -13.96 19.05
N SER A 104 -18.27 -13.28 18.01
CA SER A 104 -18.49 -13.93 16.71
C SER A 104 -18.34 -12.86 15.64
N PRO A 105 -17.09 -12.47 15.34
CA PRO A 105 -16.87 -11.20 14.63
C PRO A 105 -17.38 -11.22 13.22
N ALA A 106 -17.38 -12.38 12.55
CA ALA A 106 -17.73 -12.43 11.13
C ALA A 106 -18.02 -13.89 10.78
N THR A 107 -18.57 -14.09 9.57
CA THR A 107 -18.87 -15.42 9.02
C THR A 107 -17.83 -15.79 7.97
N TYR A 108 -17.20 -16.95 8.16
CA TYR A 108 -16.16 -17.40 7.21
C TYR A 108 -16.68 -17.58 5.77
N ALA A 109 -15.88 -17.11 4.81
CA ALA A 109 -15.95 -17.52 3.42
C ALA A 109 -14.52 -17.76 2.93
N ALA A 110 -14.35 -18.68 2.00
CA ALA A 110 -13.02 -18.92 1.43
C ALA A 110 -12.66 -17.86 0.40
N GLU A 111 -11.35 -17.63 0.24
CA GLU A 111 -10.85 -16.90 -0.92
C GLU A 111 -10.58 -17.90 -2.00
N HIS A 112 -10.56 -17.41 -3.24
CA HIS A 112 -10.43 -18.26 -4.41
C HIS A 112 -9.33 -17.75 -5.33
N PRO A 113 -8.75 -18.64 -6.14
CA PRO A 113 -7.57 -18.28 -6.94
C PRO A 113 -7.89 -17.53 -8.22
N TYR A 114 -9.16 -17.38 -8.61
CA TYR A 114 -9.55 -16.56 -9.75
C TYR A 114 -10.81 -15.80 -9.40
N PRO A 115 -10.99 -14.62 -9.97
CA PRO A 115 -12.27 -13.88 -9.75
C PRO A 115 -13.48 -14.61 -10.23
N ASP A 116 -13.35 -15.41 -11.36
CA ASP A 116 -14.25 -16.43 -11.87
C ASP A 116 -15.06 -17.20 -10.84
N LEU A 117 -14.42 -17.48 -9.67
CA LEU A 117 -14.97 -18.36 -8.66
C LEU A 117 -15.82 -17.63 -7.65
N TYR A 118 -15.95 -16.28 -7.78
CA TYR A 118 -16.82 -15.47 -6.93
C TYR A 118 -18.16 -15.32 -7.62
N PRO A 119 -19.24 -15.18 -6.81
CA PRO A 119 -19.27 -14.96 -5.35
C PRO A 119 -18.84 -16.16 -4.52
N SER A 120 -18.25 -15.87 -3.34
CA SER A 120 -17.81 -16.90 -2.45
C SER A 120 -18.90 -17.22 -1.45
N ALA A 121 -19.13 -18.51 -1.17
CA ALA A 121 -20.20 -18.87 -0.24
C ALA A 121 -19.86 -18.53 1.21
N LEU A 122 -20.77 -17.85 1.90
CA LEU A 122 -20.61 -17.64 3.34
C LEU A 122 -21.01 -18.89 4.10
N THR A 123 -20.12 -19.87 4.13
CA THR A 123 -20.44 -21.16 4.72
C THR A 123 -20.36 -21.14 6.23
N GLY A 124 -19.57 -20.23 6.82
CA GLY A 124 -19.34 -20.37 8.26
C GLY A 124 -18.60 -21.64 8.62
N GLN A 125 -17.89 -22.23 7.66
CA GLN A 125 -17.23 -23.52 7.87
C GLN A 125 -16.34 -23.51 9.13
N TYR A 126 -15.59 -22.43 9.32
CA TYR A 126 -14.70 -22.24 10.47
C TYR A 126 -15.24 -21.11 11.34
N PRO A 127 -15.84 -21.41 12.50
CA PRO A 127 -16.30 -20.34 13.38
C PRO A 127 -15.18 -19.34 13.70
N ALA A 128 -15.55 -18.07 13.66
CA ALA A 128 -14.58 -17.00 13.93
C ALA A 128 -14.18 -17.08 15.40
N GLY A 129 -12.90 -16.79 15.69
CA GLY A 129 -12.44 -16.65 17.06
C GLY A 129 -12.88 -15.34 17.70
N ASN A 130 -12.44 -15.16 18.95
CA ASN A 130 -12.86 -13.98 19.69
C ASN A 130 -11.98 -12.76 19.41
N ASP A 131 -12.61 -11.58 19.45
CA ASP A 131 -11.96 -10.30 19.22
C ASP A 131 -11.60 -9.69 20.57
N PRO A 132 -10.31 -9.63 20.93
CA PRO A 132 -9.92 -9.11 22.26
C PRO A 132 -9.81 -7.60 22.33
N LEU A 133 -10.09 -6.88 21.23
CA LEU A 133 -9.90 -5.43 21.26
C LEU A 133 -11.18 -4.68 21.54
N ASP A 134 -12.31 -5.25 21.11
CA ASP A 134 -13.57 -4.51 21.15
C ASP A 134 -13.85 -3.97 22.55
N ALA A 135 -13.66 -4.79 23.57
CA ALA A 135 -13.98 -4.35 24.93
C ALA A 135 -13.06 -3.22 25.39
N GLU A 136 -11.75 -3.32 25.10
CA GLU A 136 -10.84 -2.24 25.51
C GLU A 136 -11.17 -0.95 24.80
N LEU A 137 -11.42 -1.03 23.49
CA LEU A 137 -11.70 0.18 22.74
C LEU A 137 -12.96 0.87 23.25
N LYS A 138 -14.00 0.08 23.53
CA LYS A 138 -15.20 0.69 24.12
C LYS A 138 -14.90 1.32 25.47
N ALA A 139 -14.10 0.64 26.28
CA ALA A 139 -13.75 1.20 27.58
C ALA A 139 -13.02 2.53 27.40
N THR A 140 -12.20 2.62 26.36
CA THR A 140 -11.38 3.82 26.19
C THR A 140 -12.17 4.98 25.59
N TYR A 141 -12.92 4.72 24.50
CA TYR A 141 -13.57 5.77 23.75
C TYR A 141 -15.07 5.87 24.01
N GLY A 142 -15.66 4.91 24.73
CA GLY A 142 -17.12 4.87 24.89
C GLY A 142 -17.89 4.36 23.70
N SER A 143 -17.22 4.02 22.61
CA SER A 143 -17.85 3.57 21.37
C SER A 143 -16.83 2.71 20.66
N ASN A 144 -17.29 1.76 19.84
CA ASN A 144 -16.34 1.02 19.00
C ASN A 144 -16.32 1.53 17.56
N GLU A 145 -16.89 2.71 17.31
CA GLU A 145 -16.82 3.32 15.99
C GLU A 145 -15.39 3.36 15.49
N THR A 146 -15.15 2.82 14.29
CA THR A 146 -13.78 2.60 13.80
C THR A 146 -13.15 3.91 13.32
N TYR A 147 -12.04 4.31 13.94
CA TYR A 147 -11.32 5.51 13.54
C TYR A 147 -10.13 5.10 12.68
N LEU A 148 -10.41 4.77 11.43
CA LEU A 148 -9.40 4.43 10.42
C LEU A 148 -9.89 4.95 9.08
N MET A 149 -8.95 5.20 8.18
CA MET A 149 -9.35 5.70 6.87
C MET A 149 -9.82 4.51 6.02
N HIS A 150 -11.01 4.61 5.40
CA HIS A 150 -11.32 3.71 4.29
C HIS A 150 -10.31 4.03 3.18
N TRP A 151 -9.95 3.02 2.35
CA TRP A 151 -8.77 3.23 1.48
C TRP A 151 -9.06 4.06 0.22
N LEU A 152 -10.32 4.20 -0.23
CA LEU A 152 -10.60 4.63 -1.60
C LEU A 152 -11.79 5.58 -1.62
N LEU A 153 -11.59 6.76 -2.22
CA LEU A 153 -12.70 7.68 -2.52
C LEU A 153 -12.81 7.91 -4.01
N ASP A 154 -14.04 8.09 -4.46
CA ASP A 154 -14.32 8.59 -5.80
C ASP A 154 -14.55 10.10 -5.64
N VAL A 155 -13.49 10.89 -5.86
CA VAL A 155 -13.46 12.27 -5.38
C VAL A 155 -14.44 13.15 -6.14
N ASP A 156 -14.57 12.92 -7.45
CA ASP A 156 -15.43 13.72 -8.30
C ASP A 156 -16.80 13.06 -8.53
N ASN A 157 -17.10 11.97 -7.81
CA ASN A 157 -18.29 11.15 -8.08
C ASN A 157 -18.34 10.74 -9.55
N TRP A 158 -17.19 10.35 -10.08
CA TRP A 158 -17.11 9.94 -11.48
C TRP A 158 -17.95 8.69 -11.74
N TYR A 159 -18.00 7.78 -10.77
CA TYR A 159 -18.82 6.58 -10.92
C TYR A 159 -20.30 6.84 -10.72
N GLY A 160 -20.70 8.02 -10.23
CA GLY A 160 -22.08 8.43 -10.14
C GLY A 160 -22.87 7.75 -9.03
N PHE A 161 -22.23 7.06 -8.07
CA PHE A 161 -23.02 6.42 -7.01
C PHE A 161 -23.65 7.44 -6.05
N GLY A 162 -23.10 8.65 -5.96
CA GLY A 162 -23.47 9.56 -4.90
C GLY A 162 -23.03 9.09 -3.52
N ASN A 163 -23.12 10.00 -2.53
CA ASN A 163 -22.66 9.69 -1.18
C ASN A 163 -23.91 9.44 -0.33
N LEU A 164 -24.20 8.17 0.00
CA LEU A 164 -25.48 7.85 0.63
C LEU A 164 -25.58 8.45 2.03
N LEU A 165 -24.53 8.29 2.82
CA LEU A 165 -24.63 8.59 4.25
C LEU A 165 -24.12 9.98 4.60
N ASN A 166 -23.62 10.72 3.64
CA ASN A 166 -23.20 12.11 3.87
C ASN A 166 -23.65 12.91 2.66
N PRO A 167 -24.94 13.30 2.64
CA PRO A 167 -25.56 13.85 1.44
C PRO A 167 -24.88 15.08 0.85
N SER A 168 -24.22 15.89 1.66
CA SER A 168 -23.63 17.10 1.09
C SER A 168 -22.29 16.88 0.42
N HIS A 169 -21.69 15.70 0.50
CA HIS A 169 -20.36 15.47 -0.03
C HIS A 169 -20.45 15.08 -1.48
N THR A 170 -19.53 15.60 -2.30
CA THR A 170 -19.35 15.10 -3.65
C THR A 170 -18.54 13.80 -3.64
N ALA A 171 -17.43 13.78 -2.87
CA ALA A 171 -16.63 12.57 -2.80
C ALA A 171 -17.47 11.43 -2.22
N VAL A 172 -17.25 10.22 -2.75
CA VAL A 172 -18.02 9.02 -2.40
C VAL A 172 -17.08 7.90 -1.94
N TYR A 173 -17.45 7.19 -0.85
CA TYR A 173 -16.72 5.97 -0.51
C TYR A 173 -16.98 4.85 -1.53
N VAL A 174 -15.92 4.32 -2.13
CA VAL A 174 -16.06 3.29 -3.16
C VAL A 174 -15.06 2.20 -2.81
N ASN A 175 -15.33 0.98 -3.30
CA ASN A 175 -14.32 -0.06 -3.17
C ASN A 175 -14.27 -0.80 -4.49
N THR A 176 -13.22 -1.61 -4.66
CA THR A 176 -13.03 -2.35 -5.90
C THR A 176 -12.67 -3.79 -5.58
N TYR A 177 -11.42 -4.03 -5.14
CA TYR A 177 -10.93 -5.39 -4.94
C TYR A 177 -11.81 -6.16 -3.99
N GLN A 178 -12.24 -7.34 -4.43
CA GLN A 178 -13.12 -8.20 -3.66
C GLN A 178 -12.88 -9.68 -3.95
N ARG A 179 -12.10 -9.99 -5.00
CA ARG A 179 -12.22 -11.34 -5.58
C ARG A 179 -10.85 -12.03 -5.70
N GLY A 180 -9.99 -11.87 -4.67
CA GLY A 180 -8.85 -12.76 -4.51
C GLY A 180 -7.60 -12.36 -5.27
N GLU A 181 -6.63 -13.29 -5.26
CA GLU A 181 -5.25 -12.96 -5.60
C GLU A 181 -5.07 -12.67 -7.07
N GLN A 182 -5.99 -13.11 -7.93
CA GLN A 182 -5.78 -12.87 -9.35
C GLN A 182 -6.59 -11.68 -9.86
N GLU A 183 -7.30 -10.98 -8.98
CA GLU A 183 -8.11 -9.83 -9.43
C GLU A 183 -7.21 -8.60 -9.45
N SER A 184 -6.57 -8.35 -10.59
CA SER A 184 -5.77 -7.14 -10.75
C SER A 184 -6.65 -5.90 -10.71
N VAL A 185 -6.01 -4.73 -10.74
CA VAL A 185 -6.71 -3.45 -10.84
C VAL A 185 -7.66 -3.44 -12.02
N TRP A 186 -7.31 -4.17 -13.10
CA TRP A 186 -8.10 -4.20 -14.32
C TRP A 186 -9.36 -5.02 -14.21
N GLU A 187 -9.49 -5.82 -13.16
CA GLU A 187 -10.47 -6.92 -13.17
C GLU A 187 -11.58 -6.73 -12.16
N THR A 188 -11.63 -5.59 -11.48
CA THR A 188 -12.61 -5.33 -10.43
C THR A 188 -13.92 -4.81 -11.02
N VAL A 189 -14.94 -4.78 -10.17
CA VAL A 189 -16.17 -4.05 -10.44
C VAL A 189 -16.35 -3.01 -9.35
N PRO A 190 -16.02 -1.74 -9.63
CA PRO A 190 -16.13 -0.69 -8.61
C PRO A 190 -17.57 -0.54 -8.14
N HIS A 191 -17.72 -0.26 -6.84
CA HIS A 191 -19.06 -0.30 -6.25
C HIS A 191 -19.09 0.61 -5.04
N PRO A 192 -20.27 1.07 -4.62
CA PRO A 192 -20.29 1.97 -3.47
C PRO A 192 -20.11 1.19 -2.18
N SER A 193 -19.35 1.81 -1.26
CA SER A 193 -19.20 1.21 0.06
C SER A 193 -20.51 1.16 0.82
N GLN A 194 -21.39 2.15 0.61
CA GLN A 194 -22.73 2.21 1.19
C GLN A 194 -23.70 1.80 0.09
N ASP A 195 -24.21 0.57 0.15
CA ASP A 195 -24.97 0.00 -0.97
C ASP A 195 -26.40 -0.34 -0.52
N ASN A 196 -27.36 0.54 -0.82
CA ASN A 196 -28.76 0.26 -0.49
C ASN A 196 -29.49 -0.43 -1.62
N GLN A 197 -28.74 -0.92 -2.61
CA GLN A 197 -29.24 -1.70 -3.74
C GLN A 197 -29.97 -0.86 -4.77
N THR A 198 -29.83 0.47 -4.72
CA THR A 198 -30.33 1.27 -5.84
C THR A 198 -29.48 1.03 -7.10
N PHE A 199 -28.21 0.61 -6.93
CA PHE A 199 -27.33 0.22 -8.03
C PHE A 199 -26.98 -1.25 -7.85
N GLY A 200 -26.37 -1.84 -8.88
CA GLY A 200 -26.10 -3.27 -8.86
C GLY A 200 -27.37 -4.03 -9.26
N LYS A 201 -27.44 -5.25 -8.83
CA LYS A 201 -28.53 -6.14 -9.26
C LYS A 201 -29.77 -5.87 -8.39
N PRO A 202 -30.95 -5.74 -8.98
CA PRO A 202 -32.14 -5.43 -8.21
C PRO A 202 -32.28 -6.35 -7.01
N ASN A 203 -32.60 -5.77 -5.85
CA ASN A 203 -32.81 -6.47 -4.59
C ASN A 203 -31.53 -7.10 -4.07
N GLU A 204 -30.40 -6.82 -4.69
CA GLU A 204 -29.14 -7.40 -4.27
C GLU A 204 -27.98 -6.40 -4.17
N GLY A 205 -27.95 -5.35 -4.98
CA GLY A 205 -26.81 -4.45 -5.04
C GLY A 205 -25.61 -5.14 -5.68
N PHE A 206 -24.41 -4.64 -5.32
CA PHE A 206 -23.22 -5.29 -5.85
C PHE A 206 -22.78 -6.49 -5.03
N MET A 207 -23.35 -6.65 -3.84
CA MET A 207 -22.87 -7.65 -2.89
C MET A 207 -22.82 -9.04 -3.49
N SER A 208 -23.84 -9.42 -4.27
CA SER A 208 -23.95 -10.78 -4.79
C SER A 208 -22.93 -11.08 -5.91
N LEU A 209 -22.14 -10.09 -6.37
CA LEU A 209 -20.97 -10.43 -7.16
C LEU A 209 -19.91 -11.11 -6.31
N PHE A 210 -19.92 -10.87 -4.99
CA PHE A 210 -18.76 -11.14 -4.17
C PHE A 210 -19.00 -12.19 -3.11
N THR A 211 -20.19 -12.25 -2.53
CA THR A 211 -20.53 -13.26 -1.53
C THR A 211 -21.88 -13.85 -1.87
N LYS A 212 -22.09 -15.12 -1.53
CA LYS A 212 -23.39 -15.77 -1.68
C LYS A 212 -23.90 -16.28 -0.35
N GLU A 213 -25.18 -16.01 -0.08
CA GLU A 213 -25.88 -16.59 1.06
C GLU A 213 -27.09 -17.36 0.55
N ASN A 214 -27.82 -17.99 1.48
CA ASN A 214 -29.05 -18.69 1.11
C ASN A 214 -30.09 -17.76 0.49
N GLN A 215 -29.97 -16.46 0.75
CA GLN A 215 -31.01 -15.50 0.44
C GLN A 215 -30.35 -14.25 -0.12
N ALA A 216 -31.15 -13.40 -0.77
CA ALA A 216 -30.63 -12.18 -1.34
C ALA A 216 -29.97 -11.35 -0.24
N PRO A 217 -28.86 -10.70 -0.53
CA PRO A 217 -28.22 -9.88 0.50
C PRO A 217 -29.12 -8.73 0.93
N ALA A 218 -28.94 -8.30 2.17
CA ALA A 218 -29.61 -7.08 2.61
C ALA A 218 -28.77 -5.88 2.17
N PRO A 219 -29.35 -4.68 2.16
CA PRO A 219 -28.53 -3.49 1.94
C PRO A 219 -27.50 -3.38 3.05
N GLN A 220 -26.31 -2.88 2.70
CA GLN A 220 -25.26 -2.88 3.70
C GLN A 220 -24.19 -1.85 3.37
N TRP A 221 -23.47 -1.51 4.42
CA TRP A 221 -22.30 -0.64 4.36
C TRP A 221 -21.07 -1.45 4.77
N ARG A 222 -19.91 -1.06 4.24
CA ARG A 222 -18.66 -1.70 4.68
C ARG A 222 -17.47 -0.90 4.19
N TYR A 223 -16.38 -0.93 4.97
CA TYR A 223 -15.17 -0.21 4.66
C TYR A 223 -13.98 -1.15 4.82
N THR A 224 -12.89 -0.77 4.19
CA THR A 224 -11.63 -1.51 4.30
C THR A 224 -10.50 -0.50 4.40
N ASN A 225 -9.65 -0.62 5.44
CA ASN A 225 -8.51 0.29 5.40
C ASN A 225 -7.33 -0.35 4.65
N ALA A 226 -6.27 0.44 4.49
CA ALA A 226 -4.98 -0.07 4.06
C ALA A 226 -4.04 0.23 5.20
N THR A 227 -3.48 -0.81 5.82
CA THR A 227 -2.78 -0.56 7.09
C THR A 227 -1.55 0.29 6.91
N ASP A 228 -0.91 0.26 5.73
CA ASP A 228 0.28 1.09 5.55
C ASP A 228 -0.08 2.56 5.48
N ALA A 229 -1.32 2.90 5.10
CA ALA A 229 -1.71 4.30 5.01
C ALA A 229 -1.98 4.89 6.38
N ASP A 230 -2.77 4.21 7.20
CA ASP A 230 -2.97 4.76 8.55
C ASP A 230 -1.66 4.76 9.32
N ALA A 231 -0.81 3.76 9.08
CA ALA A 231 0.48 3.80 9.78
C ALA A 231 1.33 4.97 9.31
N ARG A 232 1.29 5.28 8.04
CA ARG A 232 2.04 6.44 7.58
C ARG A 232 1.49 7.73 8.17
N ALA A 233 0.17 7.80 8.35
CA ALA A 233 -0.42 8.96 9.01
C ALA A 233 0.16 9.11 10.42
N VAL A 234 0.27 7.99 11.12
CA VAL A 234 0.91 8.02 12.44
C VAL A 234 2.37 8.44 12.34
N GLN A 235 3.09 7.90 11.33
CA GLN A 235 4.49 8.30 11.10
C GLN A 235 4.59 9.82 10.89
N ALA A 236 3.67 10.41 10.10
CA ALA A 236 3.72 11.86 9.88
C ALA A 236 3.51 12.62 11.20
N MET A 237 2.58 12.16 12.03
CA MET A 237 2.31 12.87 13.28
C MET A 237 3.42 12.67 14.27
N PHE A 238 4.06 11.49 14.29
CA PHE A 238 5.29 11.30 15.06
C PHE A 238 6.29 12.39 14.73
N TRP A 239 6.50 12.64 13.44
CA TRP A 239 7.50 13.63 13.06
C TRP A 239 7.04 15.04 13.41
N ALA A 240 5.77 15.37 13.15
CA ALA A 240 5.23 16.68 13.52
C ALA A 240 5.53 17.00 14.96
N ARG A 241 5.29 16.04 15.85
CA ARG A 241 5.57 16.24 17.28
C ARG A 241 7.07 16.37 17.54
N GLN A 242 7.88 15.51 16.91
CA GLN A 242 9.33 15.68 17.03
C GLN A 242 9.76 17.08 16.63
N TRP A 243 9.01 17.73 15.71
CA TRP A 243 9.40 19.03 15.19
C TRP A 243 8.68 20.20 15.86
N GLY A 244 8.00 19.96 16.97
CA GLY A 244 7.41 21.01 17.77
C GLY A 244 5.90 20.99 17.86
N TYR A 245 5.23 20.17 17.06
CA TYR A 245 3.78 20.18 17.10
C TYR A 245 3.29 19.61 18.43
N SER A 246 2.34 20.30 19.07
CA SER A 246 1.94 19.81 20.39
C SER A 246 0.47 20.02 20.69
N ASN A 247 -0.40 20.12 19.68
CA ASN A 247 -1.83 20.30 19.93
C ASN A 247 -2.43 18.94 20.31
N THR A 248 -2.80 18.79 21.59
CA THR A 248 -3.27 17.50 22.07
C THR A 248 -4.54 17.09 21.37
N ASN A 249 -5.35 18.05 20.89
CA ASN A 249 -6.60 17.66 20.24
C ASN A 249 -6.31 16.81 19.02
N TYR A 250 -5.24 17.11 18.30
CA TYR A 250 -4.96 16.31 17.12
C TYR A 250 -4.06 15.13 17.40
N LEU A 251 -3.14 15.27 18.35
CA LEU A 251 -2.30 14.14 18.73
C LEU A 251 -3.16 13.00 19.30
N GLU A 252 -4.26 13.34 20.01
CA GLU A 252 -5.14 12.31 20.53
C GLU A 252 -5.84 11.58 19.39
N LYS A 253 -6.08 12.27 18.27
CA LYS A 253 -6.72 11.62 17.11
C LYS A 253 -5.75 10.64 16.47
N ALA A 254 -4.47 11.01 16.35
CA ALA A 254 -3.48 10.07 15.81
C ALA A 254 -3.32 8.86 16.72
N LYS A 255 -3.35 9.07 18.05
CA LYS A 255 -3.39 7.95 18.99
C LYS A 255 -4.60 7.04 18.76
N LYS A 256 -5.79 7.63 18.60
CA LYS A 256 -6.98 6.82 18.41
C LYS A 256 -6.85 6.02 17.13
N MET A 257 -6.28 6.63 16.09
CA MET A 257 -6.11 5.88 14.85
C MET A 257 -5.11 4.72 15.05
N GLY A 258 -4.03 4.97 15.81
CA GLY A 258 -3.09 3.90 16.10
C GLY A 258 -3.70 2.81 16.96
N ASP A 259 -4.69 3.16 17.78
CA ASP A 259 -5.37 2.17 18.64
C ASP A 259 -6.21 1.22 17.79
N PHE A 260 -7.07 1.77 16.92
CA PHE A 260 -7.88 0.93 16.02
C PHE A 260 -7.03 0.19 14.99
N LEU A 261 -5.87 0.74 14.64
CA LEU A 261 -4.97 0.07 13.69
C LEU A 261 -4.48 -1.28 14.20
N ARG A 262 -4.64 -1.55 15.50
CA ARG A 262 -4.30 -2.89 15.98
C ARG A 262 -5.19 -3.96 15.37
N TYR A 263 -6.34 -3.61 14.81
CA TYR A 263 -7.13 -4.63 14.09
C TYR A 263 -6.37 -5.23 12.91
N GLY A 264 -5.42 -4.50 12.31
CA GLY A 264 -4.64 -5.13 11.24
C GLY A 264 -3.64 -6.19 11.73
N MET A 265 -3.52 -6.41 13.04
CA MET A 265 -2.67 -7.41 13.67
C MET A 265 -3.34 -8.78 13.79
N TYR A 266 -4.62 -8.92 13.41
CA TYR A 266 -5.37 -10.15 13.68
C TYR A 266 -5.59 -10.97 12.42
N ASP A 267 -5.54 -12.28 12.58
CA ASP A 267 -5.97 -13.18 11.50
C ASP A 267 -7.36 -12.78 10.99
N LYS A 268 -7.60 -13.03 9.69
CA LYS A 268 -8.84 -12.56 9.04
C LYS A 268 -10.09 -12.90 9.85
N TYR A 269 -10.21 -14.17 10.23
CA TYR A 269 -11.34 -14.66 11.00
C TYR A 269 -10.93 -15.00 12.43
N PHE A 270 -9.94 -14.26 12.94
CA PHE A 270 -9.49 -14.38 14.33
C PHE A 270 -9.19 -15.83 14.67
N GLN A 271 -8.62 -16.57 13.70
CA GLN A 271 -8.09 -17.93 13.98
C GLN A 271 -6.71 -17.83 14.63
N GLU A 272 -6.46 -18.73 15.59
CA GLU A 272 -5.16 -18.84 16.27
C GLU A 272 -4.01 -18.91 15.25
N ILE A 273 -2.99 -18.08 15.47
CA ILE A 273 -1.86 -18.02 14.54
C ILE A 273 -1.13 -19.37 14.56
N GLY A 274 -0.86 -19.91 13.36
CA GLY A 274 -0.20 -21.20 13.25
C GLY A 274 -1.15 -22.37 13.23
N SER A 275 -2.41 -22.16 13.60
CA SER A 275 -3.28 -23.32 13.88
C SER A 275 -3.67 -24.07 12.61
N ALA A 276 -3.56 -23.44 11.43
CA ALA A 276 -3.93 -24.12 10.20
C ALA A 276 -2.72 -24.60 9.42
N ALA A 277 -1.56 -24.72 10.07
CA ALA A 277 -0.43 -25.37 9.42
C ALA A 277 -0.81 -26.76 8.90
N ASP A 278 -1.71 -27.45 9.61
CA ASP A 278 -2.20 -28.78 9.26
C ASP A 278 -3.50 -28.74 8.47
N GLY A 279 -3.94 -27.55 8.01
CA GLY A 279 -5.16 -27.42 7.23
C GLY A 279 -6.45 -27.38 8.03
N SER A 280 -6.36 -27.39 9.36
CA SER A 280 -7.51 -27.34 10.25
C SER A 280 -7.33 -26.21 11.26
N PRO A 281 -7.91 -25.03 11.02
CA PRO A 281 -7.70 -23.90 11.94
C PRO A 281 -8.42 -24.09 13.26
N SER A 282 -7.95 -23.36 14.27
CA SER A 282 -8.61 -23.28 15.57
C SER A 282 -9.08 -21.86 15.83
N ARG A 283 -10.29 -21.74 16.38
CA ARG A 283 -10.77 -20.41 16.71
C ARG A 283 -9.87 -19.82 17.78
N GLY A 284 -9.48 -18.56 17.55
CA GLY A 284 -8.57 -17.88 18.45
C GLY A 284 -9.22 -17.53 19.77
N ALA A 285 -8.36 -17.34 20.76
CA ALA A 285 -8.82 -16.93 22.07
C ALA A 285 -7.76 -16.04 22.67
N GLY A 286 -8.19 -15.13 23.56
CA GLY A 286 -7.26 -14.15 24.10
C GLY A 286 -6.65 -13.36 22.95
N LYS A 287 -5.31 -13.27 22.95
CA LYS A 287 -4.58 -12.66 21.84
C LYS A 287 -3.86 -13.67 20.96
N ASN A 288 -4.32 -14.94 20.93
CA ASN A 288 -3.51 -15.89 20.19
C ASN A 288 -3.82 -15.89 18.69
N ALA A 289 -4.78 -15.07 18.24
CA ALA A 289 -4.96 -14.76 16.82
C ALA A 289 -4.24 -13.50 16.40
N CYS A 290 -3.45 -12.91 17.29
CA CYS A 290 -2.67 -11.72 16.95
C CYS A 290 -1.30 -12.12 16.39
N HIS A 291 -0.95 -11.64 15.19
CA HIS A 291 0.38 -11.90 14.65
C HIS A 291 1.32 -10.71 14.83
N TYR A 292 0.84 -9.61 15.40
CA TYR A 292 1.66 -8.44 15.77
C TYR A 292 2.34 -7.81 14.54
N LEU A 293 1.74 -7.99 13.36
CA LEU A 293 2.22 -7.35 12.14
C LEU A 293 1.07 -6.54 11.53
N MET A 294 1.40 -5.68 10.54
CA MET A 294 0.37 -4.99 9.77
C MET A 294 0.01 -5.89 8.60
N ALA A 295 -1.10 -6.63 8.72
CA ALA A 295 -1.60 -7.39 7.58
C ALA A 295 -2.23 -6.43 6.55
N TRP A 296 -2.75 -7.01 5.46
CA TRP A 296 -3.12 -6.15 4.34
C TRP A 296 -4.23 -5.17 4.66
N TYR A 297 -5.17 -5.55 5.53
CA TYR A 297 -6.29 -4.65 5.85
C TYR A 297 -6.94 -5.08 7.14
N THR A 298 -7.82 -4.20 7.62
CA THR A 298 -8.96 -4.65 8.41
C THR A 298 -10.21 -4.10 7.72
N ALA A 299 -11.30 -4.82 7.83
CA ALA A 299 -12.54 -4.34 7.23
C ALA A 299 -13.66 -4.46 8.25
N TRP A 300 -14.68 -3.64 8.05
CA TRP A 300 -15.80 -3.67 8.99
C TRP A 300 -17.05 -3.23 8.26
N GLY A 301 -18.19 -3.75 8.71
CA GLY A 301 -19.38 -3.47 7.93
C GLY A 301 -20.62 -3.93 8.66
N GLY A 302 -21.77 -3.63 8.06
CA GLY A 302 -23.01 -3.95 8.75
C GLY A 302 -24.20 -3.67 7.85
N GLY A 303 -25.40 -3.82 8.44
CA GLY A 303 -26.61 -3.59 7.66
C GLY A 303 -26.94 -2.11 7.51
N LEU A 304 -27.59 -1.79 6.39
CA LEU A 304 -28.21 -0.47 6.18
C LEU A 304 -29.73 -0.48 6.35
N TYR A 307 -34.20 -1.80 9.49
CA TYR A 307 -34.16 -2.46 10.80
C TYR A 307 -32.82 -3.15 11.03
N ALA A 308 -31.80 -2.65 10.36
CA ALA A 308 -30.47 -3.25 10.42
C ALA A 308 -29.99 -3.36 11.86
N ASN A 309 -29.50 -4.53 12.22
CA ASN A 309 -29.11 -4.75 13.59
C ASN A 309 -27.93 -5.71 13.66
N TRP A 310 -26.93 -5.53 12.80
CA TRP A 310 -25.81 -6.48 12.80
C TRP A 310 -24.59 -5.79 12.21
N ALA A 311 -23.41 -6.27 12.60
CA ALA A 311 -22.18 -5.71 12.08
C ALA A 311 -21.10 -6.77 12.24
N TRP A 312 -19.99 -6.59 11.53
CA TRP A 312 -18.92 -7.58 11.52
C TRP A 312 -17.57 -6.88 11.38
N ARG A 313 -16.51 -7.63 11.68
CA ARG A 313 -15.13 -7.17 11.47
C ARG A 313 -14.31 -8.36 11.02
N ILE A 314 -13.32 -8.10 10.16
CA ILE A 314 -12.28 -9.07 9.83
C ILE A 314 -10.94 -8.37 9.95
N GLY A 315 -9.91 -9.11 10.35
CA GLY A 315 -8.54 -8.69 10.23
C GLY A 315 -8.05 -9.13 8.87
N ALA A 316 -6.79 -9.51 8.79
CA ALA A 316 -6.33 -10.15 7.55
C ALA A 316 -5.21 -11.10 7.92
N SER A 317 -5.18 -12.24 7.23
CA SER A 317 -4.21 -13.28 7.51
C SER A 317 -2.91 -13.12 6.72
N HIS A 318 -2.89 -12.28 5.68
CA HIS A 318 -1.75 -12.15 4.77
C HIS A 318 -0.98 -10.88 5.08
N VAL A 319 0.34 -11.00 5.24
CA VAL A 319 1.20 -9.90 5.66
C VAL A 319 2.20 -9.66 4.57
N HIS A 320 2.34 -8.40 4.17
CA HIS A 320 3.34 -7.97 3.20
C HIS A 320 4.37 -7.14 3.96
N GLN A 321 5.65 -7.49 3.82
CA GLN A 321 6.67 -6.68 4.50
C GLN A 321 6.58 -5.19 4.18
N GLY A 322 6.19 -4.84 2.95
CA GLY A 322 6.20 -3.45 2.51
C GLY A 322 5.16 -2.59 3.17
N TYR A 323 4.26 -3.18 3.96
CA TYR A 323 3.27 -2.44 4.73
C TYR A 323 3.73 -2.13 6.14
N GLN A 324 4.79 -2.76 6.64
CA GLN A 324 5.15 -2.52 8.03
C GLN A 324 5.73 -1.13 8.19
N ASN A 325 5.50 -0.51 9.34
CA ASN A 325 5.99 0.85 9.56
C ASN A 325 6.56 0.91 10.95
N PRO A 326 7.82 0.56 11.10
CA PRO A 326 8.44 0.56 12.43
C PRO A 326 8.45 1.95 13.08
N VAL A 327 8.46 3.03 12.29
CA VAL A 327 8.42 4.35 12.90
C VAL A 327 7.07 4.57 13.58
N ALA A 328 5.98 4.20 12.90
CA ALA A 328 4.66 4.28 13.51
C ALA A 328 4.63 3.40 14.76
N SER A 329 5.25 2.20 14.70
CA SER A 329 5.20 1.30 15.85
C SER A 329 5.95 1.87 17.03
N TYR A 330 7.09 2.50 16.74
CA TYR A 330 7.84 3.22 17.75
C TYR A 330 7.04 4.38 18.32
N ALA A 331 6.39 5.13 17.45
CA ALA A 331 5.59 6.27 17.89
C ALA A 331 4.51 5.83 18.86
N LEU A 332 3.93 4.63 18.64
CA LEU A 332 2.79 4.12 19.39
C LEU A 332 3.17 3.30 20.60
N SER A 333 4.47 3.09 20.87
CA SER A 333 4.92 2.21 21.94
C SER A 333 5.93 2.83 22.91
N THR A 334 6.33 4.07 22.70
CA THR A 334 7.39 4.67 23.50
C THR A 334 7.04 6.07 23.95
N ALA A 335 7.64 6.48 25.08
CA ALA A 335 7.44 7.85 25.51
C ALA A 335 8.06 8.84 24.53
N GLU A 336 9.22 8.48 23.97
CA GLU A 336 9.85 9.33 22.95
C GLU A 336 8.90 9.56 21.77
N GLY A 337 8.16 8.52 21.38
CA GLY A 337 7.26 8.61 20.23
C GLY A 337 6.05 9.49 20.51
N GLY A 338 5.51 9.42 21.73
CA GLY A 338 4.50 10.32 22.22
C GLY A 338 3.10 9.94 21.86
N LEU A 339 2.92 8.90 21.07
CA LEU A 339 1.59 8.56 20.58
C LEU A 339 1.13 7.19 21.11
N ILE A 340 1.64 6.76 22.25
CA ILE A 340 1.07 5.55 22.90
C ILE A 340 -0.43 5.68 23.10
N PRO A 341 -1.25 4.77 22.56
CA PRO A 341 -2.70 4.98 22.66
C PRO A 341 -3.22 4.76 24.07
N ASN A 342 -4.45 5.21 24.27
CA ASN A 342 -4.96 5.20 25.65
C ASN A 342 -5.49 3.84 26.09
N SER A 343 -5.74 2.91 25.17
CA SER A 343 -6.27 1.61 25.58
C SER A 343 -5.24 0.81 26.37
N SER A 344 -5.75 -0.03 27.29
CA SER A 344 -4.95 -0.77 28.28
C SER A 344 -3.72 -1.43 27.68
N THR A 345 -3.91 -2.27 26.67
CA THR A 345 -2.79 -3.04 26.16
C THR A 345 -2.18 -2.50 24.85
N ALA A 346 -2.58 -1.30 24.41
CA ALA A 346 -2.06 -0.82 23.13
C ALA A 346 -0.53 -0.67 23.17
N ARG A 347 0.04 -0.09 24.27
CA ARG A 347 1.49 0.07 24.31
C ARG A 347 2.21 -1.25 24.14
N SER A 348 1.80 -2.26 24.92
CA SER A 348 2.45 -3.56 24.85
C SER A 348 2.31 -4.18 23.46
N ASP A 349 1.12 -4.08 22.87
CA ASP A 349 0.92 -4.65 21.54
C ASP A 349 1.86 -4.01 20.52
N TRP A 350 1.96 -2.67 20.54
CA TRP A 350 2.81 -1.98 19.56
C TRP A 350 4.29 -2.21 19.87
N GLU A 351 4.65 -2.39 21.15
CA GLU A 351 6.01 -2.73 21.47
C GLU A 351 6.40 -4.08 20.85
N LYS A 352 5.51 -5.09 20.98
CA LYS A 352 5.76 -6.39 20.38
C LYS A 352 5.81 -6.28 18.88
N ALA A 353 4.89 -5.49 18.31
CA ALA A 353 4.84 -5.32 16.86
C ALA A 353 6.11 -4.71 16.30
N LEU A 354 6.67 -3.70 16.95
CA LEU A 354 7.91 -3.10 16.45
C LEU A 354 9.01 -4.15 16.34
N LYS A 355 9.18 -4.95 17.40
CA LYS A 355 10.23 -5.97 17.41
C LYS A 355 9.94 -7.00 16.34
N ARG A 356 8.68 -7.43 16.25
CA ARG A 356 8.31 -8.46 15.27
C ARG A 356 8.52 -7.96 13.84
N GLN A 357 8.24 -6.68 13.59
CA GLN A 357 8.47 -6.11 12.26
C GLN A 357 9.94 -6.17 11.90
N LEU A 358 10.83 -5.86 12.87
CA LEU A 358 12.26 -5.93 12.60
C LEU A 358 12.72 -7.37 12.38
N GLU A 359 12.18 -8.29 13.17
CA GLU A 359 12.42 -9.72 12.90
C GLU A 359 11.97 -10.12 11.51
N LEU A 360 10.78 -9.64 11.08
CA LEU A 360 10.29 -9.99 9.75
C LEU A 360 11.26 -9.53 8.66
N TYR A 361 11.76 -8.30 8.77
CA TYR A 361 12.66 -7.80 7.74
C TYR A 361 13.95 -8.62 7.70
N THR A 362 14.45 -9.01 8.88
CA THR A 362 15.64 -9.84 8.92
C THR A 362 15.35 -11.18 8.28
N TRP A 363 14.21 -11.77 8.66
CA TRP A 363 13.82 -13.07 8.11
C TRP A 363 13.77 -13.01 6.58
N LEU A 364 13.28 -11.90 6.02
CA LEU A 364 13.07 -11.80 4.58
C LEU A 364 14.27 -11.24 3.84
N LEU A 365 15.39 -11.04 4.51
CA LEU A 365 16.53 -10.39 3.88
C LEU A 365 17.22 -11.37 2.92
N SER A 366 17.14 -11.08 1.61
CA SER A 366 17.65 -12.01 0.61
C SER A 366 19.17 -12.04 0.61
N SER A 367 19.71 -13.03 -0.11
CA SER A 367 21.14 -13.10 -0.33
C SER A 367 21.69 -11.78 -0.92
N GLU A 368 21.04 -11.26 -1.96
CA GLU A 368 21.50 -10.00 -2.57
C GLU A 368 21.25 -8.81 -1.65
N GLY A 369 20.07 -8.74 -1.03
CA GLY A 369 19.85 -7.65 -0.08
C GLY A 369 18.43 -7.09 -0.10
N ALA A 370 17.69 -7.34 -1.19
CA ALA A 370 16.28 -6.96 -1.21
C ALA A 370 15.47 -7.79 -0.19
N VAL A 371 14.35 -7.25 0.26
CA VAL A 371 13.53 -7.98 1.25
C VAL A 371 12.38 -8.69 0.53
N ALA A 372 12.23 -9.99 0.82
CA ALA A 372 11.25 -10.83 0.14
C ALA A 372 9.87 -10.60 0.74
N GLY A 373 8.88 -11.35 0.27
CA GLY A 373 7.53 -10.82 0.34
C GLY A 373 6.85 -10.75 1.71
N GLY A 374 6.71 -11.85 2.43
CA GLY A 374 5.81 -11.79 3.58
C GLY A 374 5.41 -13.20 4.00
N ALA A 375 4.26 -13.28 4.68
CA ALA A 375 3.85 -14.55 5.27
C ALA A 375 2.33 -14.55 5.42
N THR A 376 1.76 -15.76 5.57
CA THR A 376 0.32 -15.81 5.75
C THR A 376 -0.02 -16.82 6.85
N ASN A 377 -1.15 -16.56 7.53
CA ASN A 377 -1.73 -17.52 8.43
C ASN A 377 -2.84 -18.31 7.77
N SER A 378 -3.14 -18.05 6.51
CA SER A 378 -4.25 -18.75 5.84
C SER A 378 -3.76 -19.10 4.45
N TRP A 379 -3.08 -20.24 4.33
CA TRP A 379 -2.56 -20.61 3.03
C TRP A 379 -3.70 -20.75 2.02
N ASN A 380 -3.54 -20.13 0.84
CA ASN A 380 -4.54 -20.06 -0.23
C ASN A 380 -5.77 -19.27 0.16
N GLY A 381 -5.76 -18.58 1.30
CA GLY A 381 -6.94 -17.86 1.71
C GLY A 381 -8.09 -18.75 2.15
N ASN A 382 -7.82 -20.02 2.44
CA ASN A 382 -8.83 -20.96 2.93
C ASN A 382 -8.25 -21.87 4.01
N TYR A 383 -7.27 -21.39 4.76
CA TYR A 383 -6.62 -22.18 5.82
C TYR A 383 -6.17 -23.56 5.31
N SER A 384 -5.60 -23.60 4.10
CA SER A 384 -4.99 -24.83 3.60
C SER A 384 -3.75 -25.19 4.39
N ALA A 385 -3.47 -26.49 4.44
CA ALA A 385 -2.25 -26.93 5.09
C ALA A 385 -1.05 -26.34 4.36
N TYR A 386 -0.03 -26.00 5.14
CA TYR A 386 1.18 -25.43 4.57
C TYR A 386 1.90 -26.49 3.71
N PRO A 387 2.40 -26.10 2.55
CA PRO A 387 3.23 -27.00 1.76
C PRO A 387 4.38 -27.53 2.59
N GLN A 388 4.83 -28.73 2.25
CA GLN A 388 5.83 -29.29 3.12
C GLN A 388 7.12 -28.54 2.81
N ASN A 389 7.93 -28.28 3.81
CA ASN A 389 9.19 -27.55 3.65
C ASN A 389 9.04 -26.06 3.38
N VAL A 390 7.82 -25.50 3.43
CA VAL A 390 7.75 -24.04 3.33
C VAL A 390 8.38 -23.41 4.57
N SER A 391 9.11 -22.32 4.36
CA SER A 391 9.72 -21.61 5.49
C SER A 391 8.64 -20.92 6.31
N THR A 392 8.85 -20.81 7.64
CA THR A 392 7.86 -20.24 8.52
C THR A 392 8.49 -19.16 9.42
N PHE A 393 7.60 -18.27 9.84
CA PHE A 393 7.91 -17.14 10.71
C PHE A 393 6.79 -17.05 11.73
N TYR A 394 7.10 -17.32 13.00
CA TYR A 394 6.11 -17.39 14.06
C TYR A 394 4.88 -18.15 13.58
N GLU A 395 5.16 -19.30 12.97
CA GLU A 395 4.18 -20.28 12.52
C GLU A 395 3.31 -19.77 11.38
N MET A 396 3.75 -18.72 10.68
CA MET A 396 3.13 -18.23 9.47
C MET A 396 4.02 -18.64 8.29
N ALA A 397 3.39 -18.96 7.16
CA ALA A 397 4.09 -19.54 6.02
C ALA A 397 4.55 -18.44 5.06
N TYR A 398 5.79 -18.57 4.59
CA TYR A 398 6.37 -17.62 3.65
C TYR A 398 5.58 -17.56 2.34
N THR A 399 5.33 -16.34 1.88
CA THR A 399 4.72 -16.12 0.56
C THR A 399 5.58 -15.15 -0.18
N GLU A 400 6.03 -15.53 -1.39
CA GLU A 400 6.82 -14.58 -2.19
C GLU A 400 5.96 -13.48 -2.83
N ALA A 401 4.66 -13.65 -2.87
CA ALA A 401 3.77 -12.65 -3.45
C ALA A 401 2.54 -12.53 -2.55
N PRO A 402 2.65 -11.82 -1.43
CA PRO A 402 1.51 -11.69 -0.51
C PRO A 402 0.30 -11.05 -1.16
N VAL A 403 -0.86 -11.68 -0.97
CA VAL A 403 -2.20 -11.15 -1.30
C VAL A 403 -2.47 -11.17 -2.80
N TYR A 404 -1.60 -10.54 -3.62
CA TYR A 404 -1.86 -10.40 -5.06
C TYR A 404 -0.79 -11.06 -5.91
N HIS A 405 -1.24 -11.72 -6.98
CA HIS A 405 -0.36 -12.37 -7.92
C HIS A 405 -0.39 -11.73 -9.29
N ASP A 406 -1.20 -10.68 -9.47
CA ASP A 406 -1.39 -10.08 -10.80
C ASP A 406 -1.28 -8.56 -10.69
N PRO A 407 -0.05 -8.02 -10.71
CA PRO A 407 1.25 -8.70 -10.73
C PRO A 407 1.63 -9.12 -9.32
N PRO A 408 2.60 -10.03 -9.21
CA PRO A 408 3.05 -10.46 -7.88
C PRO A 408 3.45 -9.27 -7.04
N SER A 409 2.90 -9.23 -5.82
CA SER A 409 2.88 -7.97 -5.07
C SER A 409 4.23 -7.52 -4.55
N ASN A 410 5.24 -8.39 -4.54
CA ASN A 410 6.54 -7.93 -4.11
C ASN A 410 7.51 -7.79 -5.29
N ASN A 411 6.98 -7.74 -6.51
CA ASN A 411 7.87 -7.55 -7.64
C ASN A 411 8.15 -6.09 -7.94
N TRP A 412 7.40 -5.15 -7.34
CA TRP A 412 7.60 -3.75 -7.63
C TRP A 412 8.68 -3.21 -6.70
N PHE A 413 9.66 -2.48 -7.25
CA PHE A 413 10.73 -1.95 -6.40
C PHE A 413 10.23 -0.87 -5.45
N GLY A 414 9.04 -0.32 -5.70
CA GLY A 414 8.48 0.63 -4.76
C GLY A 414 8.26 0.01 -3.39
N MET A 415 7.96 -1.31 -3.34
CA MET A 415 7.82 -1.98 -2.06
C MET A 415 9.18 -2.38 -1.44
N GLN A 416 10.30 -1.96 -2.06
CA GLN A 416 11.57 -1.94 -1.35
C GLN A 416 11.79 -0.59 -0.70
N VAL A 417 11.76 0.49 -1.46
CA VAL A 417 12.11 1.78 -0.86
C VAL A 417 11.10 2.20 0.21
N TRP A 418 9.80 1.95 0.01
CA TRP A 418 8.82 2.41 1.01
C TRP A 418 9.08 1.83 2.42
N PRO A 419 9.23 0.51 2.60
CA PRO A 419 9.55 0.02 3.96
C PRO A 419 10.99 0.35 4.36
N LEU A 420 11.94 0.23 3.44
CA LEU A 420 13.34 0.40 3.87
C LEU A 420 13.61 1.84 4.27
N GLU A 421 12.85 2.78 3.71
CA GLU A 421 12.93 4.19 4.16
C GLU A 421 12.59 4.28 5.64
N ARG A 422 11.62 3.47 6.08
CA ARG A 422 11.22 3.52 7.49
C ARG A 422 12.20 2.80 8.39
N VAL A 423 12.79 1.72 7.89
CA VAL A 423 13.84 1.04 8.67
C VAL A 423 15.02 1.99 8.86
N ALA A 424 15.39 2.72 7.80
CA ALA A 424 16.46 3.72 7.90
C ALA A 424 16.10 4.81 8.91
N GLU A 425 14.86 5.32 8.86
CA GLU A 425 14.41 6.29 9.86
C GLU A 425 14.60 5.73 11.27
N LEU A 426 14.14 4.50 11.50
CA LEU A 426 14.25 3.93 12.85
C LEU A 426 15.70 3.72 13.29
N TYR A 427 16.55 3.26 12.36
CA TYR A 427 17.98 3.15 12.65
C TYR A 427 18.50 4.48 13.19
N TYR A 428 18.18 5.57 12.48
CA TYR A 428 18.58 6.91 12.93
C TYR A 428 17.96 7.27 14.27
N ILE A 429 16.66 7.02 14.43
CA ILE A 429 15.96 7.37 15.66
C ILE A 429 16.57 6.65 16.85
N PHE A 430 16.85 5.34 16.71
CA PHE A 430 17.49 4.60 17.80
C PHE A 430 18.86 5.20 18.14
N ALA A 431 19.69 5.39 17.10
CA ALA A 431 21.06 5.87 17.32
C ALA A 431 21.06 7.26 17.94
N GLU A 432 20.15 8.14 17.50
CA GLU A 432 20.12 9.52 17.98
C GLU A 432 19.91 9.58 19.48
N LYS A 433 19.05 8.71 20.01
CA LYS A 433 18.82 8.75 21.45
C LYS A 433 19.83 7.89 22.22
N GLY A 434 20.75 7.23 21.53
CA GLY A 434 21.78 6.45 22.18
C GLY A 434 21.53 4.97 22.34
N ASP A 435 20.50 4.41 21.72
CA ASP A 435 20.38 2.96 21.67
C ASP A 435 21.22 2.46 20.48
N LYS A 436 22.40 1.91 20.78
CA LYS A 436 23.26 1.33 19.76
C LYS A 436 23.62 -0.12 20.09
N SER A 437 22.77 -0.81 20.87
CA SER A 437 23.12 -2.17 21.27
C SER A 437 21.92 -3.08 21.48
N SER A 438 20.68 -2.59 21.42
CA SER A 438 19.57 -3.51 21.59
C SER A 438 19.48 -4.47 20.42
N GLU A 439 18.77 -5.58 20.63
CA GLU A 439 18.51 -6.50 19.52
C GLU A 439 17.78 -5.80 18.38
N SER A 440 16.84 -4.90 18.70
CA SER A 440 16.09 -4.16 17.69
C SER A 440 17.02 -3.24 16.91
N PHE A 441 17.89 -2.53 17.62
CA PHE A 441 18.86 -1.71 16.92
C PHE A 441 19.72 -2.55 15.99
N HIS A 442 20.22 -3.69 16.47
CA HIS A 442 21.08 -4.54 15.66
C HIS A 442 20.35 -5.06 14.43
N MET A 443 19.05 -5.44 14.57
CA MET A 443 18.31 -5.85 13.36
C MET A 443 18.11 -4.69 12.40
N ALA A 444 17.65 -3.53 12.87
CA ALA A 444 17.50 -2.38 11.96
C ALA A 444 18.82 -2.07 11.26
N LYS A 445 19.91 -2.06 12.03
CA LYS A 445 21.21 -1.72 11.46
C LYS A 445 21.64 -2.72 10.39
N HIS A 446 21.51 -4.02 10.69
CA HIS A 446 21.92 -5.04 9.73
C HIS A 446 21.10 -4.96 8.45
N VAL A 447 19.78 -4.80 8.60
CA VAL A 447 18.90 -4.79 7.42
C VAL A 447 19.23 -3.60 6.55
N ILE A 448 19.34 -2.40 7.15
CA ILE A 448 19.54 -1.22 6.31
C ILE A 448 20.94 -1.20 5.69
N GLU A 449 21.97 -1.64 6.44
CA GLU A 449 23.31 -1.73 5.85
C GLU A 449 23.29 -2.61 4.61
N LYS A 450 22.73 -3.80 4.76
CA LYS A 450 22.78 -4.73 3.63
C LYS A 450 21.96 -4.21 2.46
N TRP A 451 20.77 -3.68 2.75
CA TRP A 451 19.92 -3.20 1.70
C TRP A 451 20.57 -2.00 0.98
N ILE A 452 21.07 -1.04 1.75
CA ILE A 452 21.73 0.10 1.11
C ILE A 452 22.82 -0.39 0.15
N ALA A 453 23.69 -1.30 0.62
CA ALA A 453 24.79 -1.78 -0.23
C ALA A 453 24.27 -2.49 -1.47
N TYR A 454 23.27 -3.39 -1.32
CA TYR A 454 22.48 -3.86 -2.45
C TYR A 454 22.03 -2.81 -3.44
N SER A 455 21.36 -1.76 -2.94
CA SER A 455 20.69 -0.83 -3.84
C SER A 455 21.69 -0.04 -4.67
N LEU A 456 22.87 0.21 -4.11
CA LEU A 456 23.85 1.06 -4.80
C LEU A 456 24.34 0.44 -6.10
N ASP A 457 24.18 -0.87 -6.27
CA ASP A 457 24.53 -1.50 -7.53
C ASP A 457 23.55 -1.18 -8.65
N TYR A 458 22.35 -0.67 -8.33
CA TYR A 458 21.27 -0.63 -9.29
C TYR A 458 20.65 0.74 -9.50
N VAL A 459 21.20 1.79 -8.87
CA VAL A 459 20.68 3.15 -9.01
C VAL A 459 21.79 4.00 -9.63
N PHE A 460 21.45 4.79 -10.64
CA PHE A 460 22.40 5.46 -11.48
C PHE A 460 22.05 6.94 -11.61
N VAL A 461 23.06 7.79 -11.65
CA VAL A 461 22.83 9.21 -11.86
C VAL A 461 23.88 9.70 -12.83
N GLY A 462 23.45 10.48 -13.82
CA GLY A 462 24.34 10.97 -14.85
C GLY A 462 24.75 9.91 -15.85
N GLU A 463 24.19 8.71 -15.72
CA GLU A 463 24.49 7.63 -16.62
C GLU A 463 23.26 6.72 -16.61
N ARG A 464 23.17 5.89 -17.65
CA ARG A 464 22.03 5.02 -17.87
C ARG A 464 22.52 3.59 -17.99
N PRO A 465 21.91 2.64 -17.28
CA PRO A 465 22.38 1.25 -17.37
C PRO A 465 21.95 0.60 -18.67
N VAL A 466 22.80 -0.29 -19.16
CA VAL A 466 22.52 -1.04 -20.37
C VAL A 466 21.57 -2.19 -20.01
N THR A 467 20.49 -2.36 -20.80
CA THR A 467 19.55 -3.44 -20.58
C THR A 467 19.17 -4.10 -21.89
N ASP A 468 18.72 -5.35 -21.80
CA ASP A 468 18.14 -5.98 -22.98
C ASP A 468 16.65 -5.63 -23.07
N GLU A 469 15.98 -6.18 -24.09
CA GLU A 469 14.62 -5.77 -24.37
C GLU A 469 13.65 -6.28 -23.29
N GLU A 470 14.06 -7.28 -22.53
CA GLU A 470 13.20 -7.79 -21.46
C GLU A 470 13.43 -7.05 -20.15
N GLY A 471 14.29 -6.03 -20.16
CA GLY A 471 14.56 -5.25 -18.96
C GLY A 471 15.70 -5.72 -18.08
N TYR A 472 16.41 -6.77 -18.44
CA TYR A 472 17.54 -7.21 -17.61
C TYR A 472 18.73 -6.29 -17.80
N TYR A 473 19.40 -5.95 -16.69
CA TYR A 473 20.68 -5.24 -16.76
C TYR A 473 21.71 -6.14 -17.41
N LEU A 474 22.61 -5.57 -18.21
CA LEU A 474 23.64 -6.35 -18.89
C LEU A 474 25.01 -5.94 -18.40
N ASN A 475 25.94 -6.91 -18.35
CA ASN A 475 27.31 -6.55 -18.01
C ASN A 475 28.09 -6.23 -19.28
N ASP A 476 29.39 -5.98 -19.11
CA ASP A 476 30.22 -5.57 -20.24
C ASP A 476 30.32 -6.63 -21.33
N ALA A 477 29.98 -7.88 -21.03
CA ALA A 477 29.94 -8.96 -22.00
C ALA A 477 28.55 -9.19 -22.55
N GLY A 478 27.60 -8.31 -22.22
CA GLY A 478 26.28 -8.45 -22.74
C GLY A 478 25.48 -9.55 -22.10
N GLU A 479 25.96 -10.07 -20.96
CA GLU A 479 25.29 -11.09 -20.18
C GLU A 479 24.30 -10.48 -19.19
N ARG A 480 23.20 -11.20 -18.97
CA ARG A 480 22.19 -10.72 -18.02
C ARG A 480 22.74 -10.80 -16.61
N VAL A 481 22.45 -9.75 -15.85
CA VAL A 481 22.87 -9.65 -14.45
C VAL A 481 21.72 -10.18 -13.61
N LEU A 482 21.87 -11.42 -13.12
CA LEU A 482 20.78 -12.13 -12.45
C LEU A 482 21.09 -12.23 -10.98
N GLY A 483 20.92 -11.13 -10.28
CA GLY A 483 21.36 -11.08 -8.89
C GLY A 483 22.87 -11.19 -8.73
N GLY A 484 23.28 -11.82 -7.62
CA GLY A 484 24.68 -11.95 -7.26
C GLY A 484 25.16 -10.80 -6.40
N GLN A 485 26.31 -11.02 -5.77
CA GLN A 485 26.81 -10.10 -4.75
C GLN A 485 27.51 -8.90 -5.34
N ASN A 486 28.28 -9.09 -6.40
CA ASN A 486 29.14 -8.04 -6.97
C ASN A 486 28.82 -7.92 -8.46
N PRO A 487 27.60 -7.48 -8.80
CA PRO A 487 27.24 -7.34 -10.22
C PRO A 487 28.05 -6.22 -10.87
N GLN A 488 28.39 -6.44 -12.14
CA GLN A 488 29.02 -5.45 -12.98
C GLN A 488 28.00 -5.06 -14.05
N ILE A 489 27.58 -3.80 -14.05
CA ILE A 489 26.54 -3.35 -14.97
C ILE A 489 27.14 -2.34 -15.95
N ALA A 490 26.97 -2.61 -17.23
CA ALA A 490 27.48 -1.70 -18.25
C ALA A 490 26.66 -0.42 -18.23
N VAL A 491 27.32 0.73 -18.45
CA VAL A 491 26.59 1.99 -18.39
C VAL A 491 26.94 2.84 -19.60
N GLN A 492 26.09 3.82 -19.87
CA GLN A 492 26.32 4.85 -20.88
C GLN A 492 26.01 6.22 -20.30
N SER A 493 26.63 7.23 -20.88
CA SER A 493 26.46 8.60 -20.39
C SER A 493 25.01 9.04 -20.52
N ASP A 494 24.50 9.71 -19.49
CA ASP A 494 23.15 10.30 -19.52
C ASP A 494 23.11 11.47 -18.54
N PRO A 495 23.78 12.56 -18.87
CA PRO A 495 23.87 13.69 -17.93
C PRO A 495 22.50 14.22 -17.56
N GLY A 496 22.36 14.57 -16.27
CA GLY A 496 21.13 15.17 -15.78
C GLY A 496 19.99 14.20 -15.60
N GLU A 497 20.25 12.89 -15.74
CA GLU A 497 19.22 11.86 -15.63
C GLU A 497 19.54 10.93 -14.48
N PHE A 498 18.49 10.24 -14.01
CA PHE A 498 18.62 9.19 -13.00
C PHE A 498 17.87 7.96 -13.48
N TRP A 499 18.28 6.80 -12.99
CA TRP A 499 17.63 5.54 -13.34
C TRP A 499 17.56 4.66 -12.10
N ILE A 500 16.38 4.14 -11.79
CA ILE A 500 16.14 3.37 -10.58
C ILE A 500 15.29 2.15 -10.96
N PRO A 501 15.58 0.97 -10.41
CA PRO A 501 14.82 -0.23 -10.82
C PRO A 501 13.34 -0.06 -10.56
N ALA A 502 12.53 -0.73 -11.38
CA ALA A 502 11.11 -0.88 -11.11
C ALA A 502 10.73 -2.29 -10.71
N ASN A 503 11.54 -3.29 -10.99
CA ASN A 503 11.04 -4.66 -10.85
C ASN A 503 12.02 -5.61 -10.19
N LEU A 504 11.47 -6.67 -9.57
CA LEU A 504 12.25 -7.73 -8.95
C LEU A 504 11.67 -9.06 -9.39
N GLU A 505 12.54 -10.06 -9.54
CA GLU A 505 12.12 -11.44 -9.84
C GLU A 505 12.69 -12.34 -8.74
N TRP A 506 11.82 -13.02 -8.02
CA TRP A 506 12.22 -13.76 -6.83
C TRP A 506 12.38 -15.25 -7.09
N SER A 507 13.26 -15.88 -6.29
CA SER A 507 13.32 -17.34 -6.28
C SER A 507 13.84 -17.82 -4.93
N GLY A 508 13.41 -19.03 -4.58
CA GLY A 508 13.83 -19.59 -3.31
C GLY A 508 12.95 -19.08 -2.18
N GLN A 509 13.44 -19.27 -0.95
CA GLN A 509 12.72 -18.85 0.24
C GLN A 509 13.74 -18.57 1.34
N PRO A 510 13.37 -17.77 2.33
CA PRO A 510 14.23 -17.59 3.49
C PRO A 510 14.33 -18.87 4.31
N ASP A 511 15.43 -19.00 5.06
CA ASP A 511 15.50 -20.07 6.06
C ASP A 511 14.41 -19.87 7.10
N PRO A 512 13.94 -20.94 7.75
CA PRO A 512 12.93 -20.77 8.80
C PRO A 512 13.45 -19.83 9.89
N TRP A 513 12.56 -18.96 10.39
CA TRP A 513 12.93 -18.04 11.47
C TRP A 513 12.93 -18.76 12.81
N LYS A 514 14.06 -18.64 13.52
CA LYS A 514 14.24 -19.15 14.89
C LYS A 514 14.77 -18.08 15.81
N GLY A 515 14.50 -16.82 15.49
CA GLY A 515 14.91 -15.69 16.30
C GLY A 515 16.20 -15.07 15.78
N PHE A 516 16.44 -13.82 16.18
CA PHE A 516 17.60 -13.12 15.65
C PHE A 516 18.91 -13.80 16.08
N ASP A 517 18.91 -14.39 17.27
CA ASP A 517 20.15 -15.02 17.75
C ASP A 517 20.55 -16.19 16.87
N SER A 518 19.60 -16.82 16.18
CA SER A 518 19.87 -17.97 15.34
C SER A 518 20.06 -17.60 13.87
N PHE A 519 19.97 -16.33 13.53
CA PHE A 519 19.99 -15.95 12.14
C PHE A 519 21.42 -16.00 11.56
N THR A 520 21.60 -16.71 10.45
CA THR A 520 22.88 -16.77 9.76
C THR A 520 22.69 -16.57 8.26
N GLY A 521 21.71 -15.75 7.88
CA GLY A 521 21.57 -15.45 6.47
C GLY A 521 20.53 -16.33 5.79
N ASN A 522 20.17 -15.92 4.56
CA ASN A 522 19.19 -16.62 3.71
C ASN A 522 19.84 -16.97 2.37
N PRO A 523 20.76 -17.93 2.35
CA PRO A 523 21.52 -18.15 1.11
C PRO A 523 20.75 -18.93 0.06
N GLY A 524 19.52 -19.31 0.39
CA GLY A 524 18.64 -19.91 -0.58
C GLY A 524 17.59 -18.96 -1.13
N LEU A 525 17.65 -17.68 -0.78
CA LEU A 525 16.64 -16.68 -1.17
C LEU A 525 17.32 -15.68 -2.10
N HIS A 526 16.87 -15.61 -3.35
CA HIS A 526 17.56 -14.80 -4.36
C HIS A 526 16.63 -13.87 -5.09
N VAL A 527 17.20 -12.79 -5.60
CA VAL A 527 16.39 -11.84 -6.35
C VAL A 527 17.22 -11.30 -7.51
N THR A 528 16.57 -11.21 -8.67
CA THR A 528 17.06 -10.45 -9.83
C THR A 528 16.38 -9.09 -9.85
N THR A 529 17.18 -8.03 -10.03
CA THR A 529 16.66 -6.67 -10.07
C THR A 529 16.65 -6.26 -11.54
N LYS A 530 15.59 -5.59 -11.98
CA LYS A 530 15.51 -5.30 -13.40
C LYS A 530 14.60 -4.10 -13.67
N ASN A 531 14.51 -3.74 -14.97
CA ASN A 531 13.58 -2.71 -15.47
C ASN A 531 13.89 -1.33 -14.94
N PRO A 532 15.02 -0.73 -15.33
CA PRO A 532 15.31 0.64 -14.89
C PRO A 532 14.23 1.59 -15.38
N SER A 533 13.92 2.58 -14.53
CA SER A 533 12.81 3.49 -14.72
C SER A 533 13.22 4.88 -14.25
N GLN A 534 12.33 5.86 -14.47
CA GLN A 534 12.60 7.16 -13.86
C GLN A 534 11.44 7.54 -12.97
N ASP A 535 11.03 6.60 -12.13
CA ASP A 535 9.88 6.81 -11.26
C ASP A 535 10.27 7.78 -10.15
N VAL A 536 9.69 8.98 -10.16
CA VAL A 536 10.20 9.98 -9.23
C VAL A 536 9.71 9.70 -7.82
N GLY A 537 8.59 8.98 -7.68
CA GLY A 537 8.11 8.64 -6.35
C GLY A 537 9.00 7.61 -5.67
N VAL A 538 9.32 6.55 -6.38
CA VAL A 538 10.31 5.60 -5.92
C VAL A 538 11.64 6.29 -5.66
N LEU A 539 12.04 7.22 -6.52
CA LEU A 539 13.28 7.99 -6.29
C LEU A 539 13.22 8.77 -4.98
N GLY A 540 12.13 9.52 -4.74
CA GLY A 540 12.08 10.36 -3.53
C GLY A 540 12.08 9.53 -2.26
N SER A 541 11.43 8.35 -2.30
CA SER A 541 11.48 7.44 -1.17
C SER A 541 12.91 6.90 -0.99
N TYR A 542 13.55 6.54 -2.09
CA TYR A 542 14.94 6.07 -2.05
C TYR A 542 15.88 7.13 -1.48
N ILE A 543 15.69 8.39 -1.85
CA ILE A 543 16.62 9.43 -1.38
C ILE A 543 16.47 9.59 0.13
N LYS A 544 15.23 9.61 0.64
CA LYS A 544 15.06 9.61 2.11
C LYS A 544 15.74 8.40 2.75
N THR A 545 15.64 7.21 2.12
CA THR A 545 16.32 6.04 2.68
C THR A 545 17.81 6.28 2.77
N LEU A 546 18.42 6.81 1.68
CA LEU A 546 19.86 7.13 1.71
C LEU A 546 20.19 8.10 2.84
N VAL A 547 19.39 9.16 2.95
CA VAL A 547 19.68 10.26 3.88
C VAL A 547 19.55 9.80 5.32
N PHE A 548 18.48 9.05 5.64
CA PHE A 548 18.29 8.59 7.02
C PHE A 548 19.35 7.56 7.37
N PHE A 549 19.68 6.68 6.43
CA PHE A 549 20.77 5.74 6.70
C PHE A 549 22.07 6.47 7.00
N ALA A 550 22.47 7.40 6.11
CA ALA A 550 23.70 8.18 6.33
C ALA A 550 23.69 8.89 7.68
N ALA A 551 22.61 9.59 7.98
CA ALA A 551 22.47 10.27 9.26
C ALA A 551 22.56 9.27 10.41
N GLY A 552 22.03 8.06 10.23
CA GLY A 552 22.12 7.08 11.30
C GLY A 552 23.54 6.61 11.53
N THR A 553 24.34 6.48 10.47
CA THR A 553 25.74 6.09 10.70
C THR A 553 26.48 7.18 11.47
N LYS A 554 26.12 8.44 11.26
CA LYS A 554 26.75 9.51 12.01
C LYS A 554 26.26 9.54 13.46
N ALA A 555 24.96 9.40 13.67
CA ALA A 555 24.48 9.33 15.05
C ALA A 555 25.05 8.12 15.79
N GLU A 556 25.29 7.00 15.10
CA GLU A 556 25.84 5.83 15.77
C GLU A 556 27.32 6.00 16.07
N THR A 557 28.11 6.34 15.07
CA THR A 557 29.57 6.23 15.17
C THR A 557 30.25 7.57 15.40
N GLY A 558 29.54 8.69 15.19
CA GLY A 558 30.11 10.03 15.31
C GLY A 558 30.50 10.67 13.98
N GLY A 559 30.48 9.90 12.90
CA GLY A 559 30.76 10.45 11.58
C GLY A 559 30.14 9.51 10.56
N PHE A 560 30.20 9.90 9.29
CA PHE A 560 29.67 9.00 8.25
C PHE A 560 30.63 7.83 8.04
N THR A 561 30.08 6.62 7.95
CA THR A 561 30.88 5.48 7.56
C THR A 561 31.17 5.55 6.07
N ALA A 562 32.03 4.65 5.58
CA ALA A 562 32.25 4.61 4.13
C ALA A 562 30.93 4.46 3.38
N LEU A 563 30.06 3.55 3.86
CA LEU A 563 28.78 3.35 3.17
C LEU A 563 27.87 4.54 3.36
N GLY A 564 27.91 5.16 4.55
CA GLY A 564 27.12 6.34 4.78
C GLY A 564 27.53 7.48 3.85
N ASN A 565 28.85 7.64 3.62
CA ASN A 565 29.29 8.67 2.70
C ASN A 565 28.79 8.41 1.28
N LYS A 566 28.88 7.15 0.82
CA LYS A 566 28.37 6.84 -0.51
C LYS A 566 26.89 7.18 -0.60
N ALA A 567 26.13 6.83 0.44
CA ALA A 567 24.70 7.10 0.44
C ALA A 567 24.43 8.60 0.41
N LYS A 568 25.10 9.39 1.27
CA LYS A 568 24.77 10.81 1.25
C LYS A 568 25.21 11.48 -0.04
N ASN A 569 26.33 11.04 -0.63
CA ASN A 569 26.79 11.66 -1.86
C ASN A 569 25.85 11.33 -3.00
N LEU A 570 25.38 10.09 -3.06
CA LEU A 570 24.46 9.73 -4.12
C LEU A 570 23.14 10.48 -3.95
N ALA A 571 22.66 10.62 -2.70
CA ALA A 571 21.43 11.39 -2.49
C ALA A 571 21.56 12.81 -3.05
N LYS A 572 22.65 13.50 -2.73
CA LYS A 572 22.83 14.84 -3.24
C LYS A 572 22.75 14.89 -4.77
N GLU A 573 23.40 13.95 -5.45
CA GLU A 573 23.42 13.98 -6.91
C GLU A 573 22.04 13.64 -7.46
N LEU A 574 21.32 12.72 -6.81
CA LEU A 574 19.98 12.38 -7.29
C LEU A 574 19.03 13.55 -7.14
N LEU A 575 19.11 14.28 -6.02
CA LEU A 575 18.24 15.45 -5.86
C LEU A 575 18.51 16.50 -6.94
N ASP A 576 19.78 16.71 -7.29
CA ASP A 576 20.10 17.66 -8.34
C ASP A 576 19.56 17.21 -9.69
N ALA A 577 19.78 15.94 -10.04
CA ALA A 577 19.27 15.43 -11.32
C ALA A 577 17.74 15.54 -11.37
N ALA A 578 17.05 15.13 -10.30
CA ALA A 578 15.60 15.20 -10.31
C ALA A 578 15.10 16.64 -10.46
N TRP A 579 15.82 17.64 -9.89
CA TRP A 579 15.31 18.99 -9.95
C TRP A 579 15.25 19.48 -11.38
N SER A 580 16.17 19.03 -12.20
CA SER A 580 16.21 19.38 -13.62
C SER A 580 14.98 18.91 -14.37
N LYS A 581 14.17 18.01 -13.79
CA LYS A 581 12.95 17.51 -14.40
C LYS A 581 11.71 18.16 -13.85
N ASN A 582 11.85 19.15 -12.96
CA ASN A 582 10.66 19.90 -12.55
C ASN A 582 10.05 20.64 -13.75
N ASP A 583 8.74 20.45 -13.98
CA ASP A 583 8.06 21.08 -15.09
C ASP A 583 7.16 22.22 -14.63
N GLY A 584 7.24 22.60 -13.35
CA GLY A 584 6.38 23.62 -12.80
C GLY A 584 5.12 23.11 -12.14
N ILE A 585 4.67 21.91 -12.54
CA ILE A 585 3.63 21.17 -11.80
C ILE A 585 4.27 20.19 -10.83
N GLY A 586 5.28 19.45 -11.30
CA GLY A 586 6.02 18.58 -10.40
C GLY A 586 7.22 18.01 -11.09
N ILE A 587 7.91 17.13 -10.36
CA ILE A 587 9.04 16.43 -10.95
C ILE A 587 8.49 15.46 -11.98
N ALA A 588 8.88 15.64 -13.26
CA ALA A 588 8.18 14.99 -14.37
C ALA A 588 9.10 14.10 -15.19
N ALA A 589 8.69 12.84 -15.37
CA ALA A 589 9.45 11.93 -16.19
C ALA A 589 8.49 11.11 -17.03
N GLU A 590 8.85 10.89 -18.29
CA GLU A 590 8.06 9.97 -19.11
C GLU A 590 8.09 8.56 -18.55
N GLU A 591 6.99 7.82 -18.76
CA GLU A 591 6.90 6.43 -18.41
C GLU A 591 6.11 5.67 -19.46
N GLU A 592 6.58 4.46 -19.74
CA GLU A 592 5.94 3.60 -20.75
C GLU A 592 5.06 2.58 -20.05
N HIS A 593 3.93 2.20 -20.71
CA HIS A 593 2.96 1.27 -20.11
C HIS A 593 2.58 0.12 -21.04
N GLU A 594 3.41 -0.91 -21.04
CA GLU A 594 3.16 -2.25 -21.60
C GLU A 594 1.73 -2.63 -21.25
N ASP A 595 1.43 -2.49 -19.96
CA ASP A 595 0.21 -3.06 -19.40
C ASP A 595 -1.02 -2.28 -19.74
N TYR A 596 -0.92 -1.13 -20.41
CA TYR A 596 -2.15 -0.46 -20.77
C TYR A 596 -2.87 -1.16 -21.94
N ILE A 597 -2.32 -2.26 -22.44
CA ILE A 597 -3.13 -3.16 -23.27
C ILE A 597 -4.35 -3.60 -22.48
N ARG A 598 -4.24 -3.61 -21.14
CA ARG A 598 -5.36 -4.11 -20.36
C ARG A 598 -6.51 -3.11 -20.25
N TYR A 599 -6.38 -1.94 -20.88
CA TYR A 599 -7.56 -1.10 -21.06
C TYR A 599 -8.49 -1.68 -22.10
N PHE A 600 -8.05 -2.72 -22.82
CA PHE A 600 -8.79 -3.24 -23.97
C PHE A 600 -9.12 -4.71 -23.86
N THR A 601 -8.70 -5.38 -22.80
CA THR A 601 -8.86 -6.82 -22.66
C THR A 601 -10.20 -7.19 -22.07
N LYS A 602 -10.80 -8.24 -22.63
CA LYS A 602 -12.04 -8.75 -22.06
C LYS A 602 -11.72 -9.67 -20.89
N GLU A 603 -11.63 -9.08 -19.68
CA GLU A 603 -11.21 -9.88 -18.55
C GLU A 603 -11.93 -9.46 -17.26
N ILE A 604 -12.98 -8.66 -17.33
CA ILE A 604 -13.74 -8.30 -16.13
C ILE A 604 -14.88 -9.29 -15.96
N TYR A 605 -14.80 -10.14 -14.93
CA TYR A 605 -15.77 -11.22 -14.78
C TYR A 605 -17.11 -10.77 -14.16
N PHE A 606 -18.22 -11.31 -14.70
CA PHE A 606 -19.55 -11.28 -14.10
C PHE A 606 -20.11 -12.68 -14.14
N PRO A 607 -20.76 -13.14 -13.06
CA PRO A 607 -21.39 -14.46 -13.08
C PRO A 607 -22.54 -14.52 -14.07
N ASN A 608 -22.82 -15.74 -14.59
CA ASN A 608 -23.95 -15.84 -15.51
C ASN A 608 -25.23 -15.50 -14.78
N GLY A 609 -26.13 -14.80 -15.46
CA GLY A 609 -27.39 -14.45 -14.88
C GLY A 609 -27.36 -13.14 -14.13
N TRP A 610 -26.18 -12.59 -13.85
CA TRP A 610 -26.05 -11.38 -13.04
C TRP A 610 -26.08 -10.18 -13.96
N SER A 611 -27.07 -9.32 -13.78
CA SER A 611 -27.18 -8.07 -14.51
C SER A 611 -27.58 -6.98 -13.53
N GLY A 612 -26.99 -5.79 -13.67
CA GLY A 612 -27.32 -4.76 -12.72
C GLY A 612 -27.11 -3.38 -13.30
N ARG A 613 -27.31 -2.39 -12.45
CA ARG A 613 -27.37 -1.01 -12.87
C ARG A 613 -26.16 -0.27 -12.32
N ASN A 614 -25.37 0.40 -13.20
CA ASN A 614 -24.21 1.06 -12.60
C ASN A 614 -24.65 2.47 -12.18
N GLY A 615 -23.71 3.32 -11.72
CA GLY A 615 -24.11 4.53 -11.09
C GLY A 615 -24.63 5.59 -12.04
N GLN A 616 -24.41 5.40 -13.34
CA GLN A 616 -24.98 6.25 -14.38
C GLN A 616 -26.27 5.63 -14.94
N GLY A 617 -26.76 4.58 -14.32
CA GLY A 617 -27.97 3.95 -14.81
C GLY A 617 -27.77 2.97 -15.94
N ASN A 618 -26.52 2.65 -16.28
CA ASN A 618 -26.22 1.80 -17.43
C ASN A 618 -26.18 0.36 -16.99
N THR A 619 -26.66 -0.53 -17.87
CA THR A 619 -26.75 -1.92 -17.49
C THR A 619 -25.38 -2.56 -17.65
N ILE A 620 -24.98 -3.32 -16.64
CA ILE A 620 -23.70 -4.02 -16.72
C ILE A 620 -23.99 -5.48 -16.40
N PRO A 621 -23.27 -6.42 -17.00
CA PRO A 621 -22.16 -6.19 -17.94
C PRO A 621 -22.55 -5.65 -19.31
N GLY A 622 -23.84 -5.76 -19.67
CA GLY A 622 -24.26 -5.24 -20.97
C GLY A 622 -24.06 -6.27 -22.06
N PRO A 623 -24.12 -5.85 -23.31
CA PRO A 623 -24.23 -6.83 -24.41
C PRO A 623 -22.92 -7.36 -24.97
N ASN A 624 -21.80 -6.69 -24.73
CA ASN A 624 -20.57 -7.07 -25.43
C ASN A 624 -19.72 -8.04 -24.61
N THR A 625 -20.31 -9.19 -24.27
CA THR A 625 -19.67 -10.16 -23.40
C THR A 625 -19.06 -11.30 -24.20
N VAL A 626 -18.07 -11.95 -23.60
CA VAL A 626 -17.58 -13.24 -24.07
C VAL A 626 -17.62 -14.16 -22.86
N PRO A 627 -17.74 -15.48 -23.06
CA PRO A 627 -17.75 -16.40 -21.93
C PRO A 627 -16.42 -16.41 -21.20
N SER A 628 -16.48 -16.66 -19.88
CA SER A 628 -15.28 -16.77 -19.06
C SER A 628 -14.51 -18.05 -19.39
N ASP A 629 -13.24 -18.04 -19.00
CA ASP A 629 -12.36 -19.16 -19.27
C ASP A 629 -12.79 -20.38 -18.48
N PRO A 630 -13.11 -21.50 -19.13
CA PRO A 630 -13.53 -22.69 -18.36
C PRO A 630 -12.44 -23.19 -17.43
N ALA A 631 -11.17 -23.02 -17.80
CA ALA A 631 -10.08 -23.46 -16.95
C ALA A 631 -10.04 -22.73 -15.61
N LYS A 632 -10.76 -21.61 -15.47
CA LYS A 632 -10.72 -20.83 -14.24
C LYS A 632 -11.92 -21.11 -13.34
N GLY A 633 -12.76 -22.06 -13.73
CA GLY A 633 -13.77 -22.64 -12.87
C GLY A 633 -15.04 -21.84 -12.74
N GLY A 634 -15.17 -20.75 -13.48
CA GLY A 634 -16.35 -19.91 -13.38
C GLY A 634 -17.45 -20.31 -14.34
N ASN A 635 -18.55 -19.58 -14.27
CA ASN A 635 -19.69 -19.80 -15.08
C ASN A 635 -20.25 -18.40 -15.31
N GLY A 636 -19.56 -17.64 -16.17
CA GLY A 636 -20.00 -16.30 -16.45
C GLY A 636 -19.35 -15.72 -17.69
N VAL A 637 -19.01 -14.44 -17.68
CA VAL A 637 -18.64 -13.70 -18.89
C VAL A 637 -17.58 -12.70 -18.54
N TYR A 638 -16.88 -12.20 -19.56
CA TYR A 638 -15.94 -11.08 -19.39
C TYR A 638 -16.38 -9.89 -20.23
N ILE A 639 -16.17 -8.68 -19.71
CA ILE A 639 -16.15 -7.48 -20.54
C ILE A 639 -14.84 -6.73 -20.32
N SER A 640 -14.62 -5.66 -21.11
CA SER A 640 -13.38 -4.90 -21.05
C SER A 640 -13.58 -3.56 -20.35
N HIS A 641 -12.47 -2.87 -20.14
CA HIS A 641 -12.44 -1.69 -19.27
C HIS A 641 -13.51 -0.65 -19.64
N ALA A 642 -13.53 -0.21 -20.91
CA ALA A 642 -14.41 0.88 -21.30
C ALA A 642 -15.84 0.44 -21.54
N GLU A 643 -16.10 -0.87 -21.53
CA GLU A 643 -17.47 -1.36 -21.52
C GLU A 643 -18.05 -1.23 -20.13
N LEU A 644 -17.24 -1.53 -19.10
CA LEU A 644 -17.66 -1.25 -17.74
C LEU A 644 -17.65 0.24 -17.42
N ARG A 645 -16.74 1.00 -18.01
CA ARG A 645 -16.54 2.42 -17.68
C ARG A 645 -16.60 3.26 -18.96
N PRO A 646 -17.78 3.37 -19.58
CA PRO A 646 -17.84 4.09 -20.88
C PRO A 646 -17.43 5.56 -20.80
N LYS A 647 -17.51 6.20 -19.61
CA LYS A 647 -17.06 7.58 -19.50
C LYS A 647 -15.57 7.72 -19.78
N ILE A 648 -14.78 6.66 -19.64
CA ILE A 648 -13.35 6.85 -19.87
C ILE A 648 -13.08 7.17 -21.33
N LYS A 649 -14.00 6.81 -22.25
CA LYS A 649 -13.79 7.20 -23.64
C LYS A 649 -13.87 8.71 -23.86
N ASN A 650 -14.35 9.46 -22.88
CA ASN A 650 -14.41 10.92 -22.99
C ASN A 650 -13.17 11.59 -22.43
N ASP A 651 -12.24 10.81 -21.91
CA ASP A 651 -11.02 11.40 -21.38
C ASP A 651 -10.20 12.05 -22.50
N PRO A 652 -9.59 13.19 -22.24
CA PRO A 652 -8.75 13.83 -23.28
C PRO A 652 -7.62 12.94 -23.79
N MET A 653 -7.16 11.98 -23.00
CA MET A 653 -6.08 11.12 -23.45
C MET A 653 -6.55 9.81 -24.06
N TRP A 654 -7.87 9.56 -24.08
CA TRP A 654 -8.36 8.29 -24.60
C TRP A 654 -8.05 8.14 -26.10
N PRO A 655 -8.28 9.16 -26.93
CA PRO A 655 -7.96 8.97 -28.37
C PRO A 655 -6.51 8.57 -28.59
N TYR A 656 -5.58 9.20 -27.87
CA TYR A 656 -4.17 8.82 -28.01
C TYR A 656 -3.99 7.34 -27.67
N LEU A 657 -4.56 6.91 -26.54
CA LEU A 657 -4.33 5.54 -26.12
C LEU A 657 -5.00 4.55 -27.09
N GLU A 658 -6.22 4.84 -27.51
CA GLU A 658 -6.92 3.93 -28.41
C GLU A 658 -6.22 3.84 -29.75
N ASN A 659 -5.72 4.98 -30.25
CA ASN A 659 -5.01 4.95 -31.51
C ASN A 659 -3.69 4.19 -31.38
N LYS A 660 -2.99 4.37 -30.26
CA LYS A 660 -1.76 3.61 -30.06
C LYS A 660 -2.05 2.09 -30.06
N TYR A 661 -3.09 1.66 -29.33
CA TYR A 661 -3.48 0.25 -29.35
C TYR A 661 -3.71 -0.25 -30.78
N GLN A 662 -4.50 0.49 -31.57
CA GLN A 662 -4.88 0.00 -32.88
C GLN A 662 -3.71 0.04 -33.87
N THR A 663 -2.68 0.85 -33.61
CA THR A 663 -1.58 0.97 -34.55
C THR A 663 -0.27 0.35 -34.08
N SER A 664 -0.20 -0.14 -32.83
CA SER A 664 1.07 -0.65 -32.33
C SER A 664 1.00 -2.05 -31.68
N TRP A 665 -0.13 -2.42 -31.10
CA TRP A 665 -0.22 -3.69 -30.39
C TRP A 665 -0.32 -4.85 -31.38
N ASN A 666 0.56 -5.81 -31.22
CA ASN A 666 0.55 -7.03 -32.04
C ASN A 666 0.01 -8.18 -31.23
N PRO A 667 -1.25 -8.63 -31.43
CA PRO A 667 -1.77 -9.70 -30.57
C PRO A 667 -1.04 -11.02 -30.73
N ASN A 668 -0.41 -11.29 -31.88
CA ASN A 668 0.26 -12.58 -32.05
C ASN A 668 1.52 -12.66 -31.19
N THR A 669 2.26 -11.58 -31.08
CA THR A 669 3.45 -11.62 -30.24
C THR A 669 3.19 -11.14 -28.82
N GLY A 670 2.06 -10.45 -28.58
CA GLY A 670 1.80 -9.91 -27.26
C GLY A 670 2.69 -8.74 -26.95
N LYS A 671 3.10 -7.99 -27.96
CA LYS A 671 4.05 -6.92 -27.78
C LYS A 671 3.58 -5.66 -28.48
N TRP A 672 3.99 -4.51 -27.93
CA TRP A 672 3.87 -3.22 -28.60
C TRP A 672 5.03 -3.06 -29.56
N GLU A 673 4.74 -2.92 -30.86
CA GLU A 673 5.84 -2.91 -31.83
C GLU A 673 6.03 -1.62 -32.57
N ASN A 674 5.13 -0.64 -32.39
CA ASN A 674 5.25 0.65 -33.02
C ASN A 674 5.12 1.73 -31.97
N GLY A 675 5.87 1.58 -30.88
CA GLY A 675 5.77 2.51 -29.76
C GLY A 675 4.90 2.02 -28.62
N LEU A 676 5.29 2.33 -27.36
CA LEU A 676 4.43 1.97 -26.22
C LEU A 676 3.62 3.17 -25.78
N PRO A 677 2.46 2.93 -25.17
CA PRO A 677 1.72 4.04 -24.53
C PRO A 677 2.63 4.74 -23.53
N THR A 678 2.79 6.05 -23.70
CA THR A 678 3.76 6.84 -22.93
C THR A 678 3.10 8.02 -22.28
N PHE A 679 3.32 8.21 -20.98
CA PHE A 679 2.59 9.21 -20.22
C PHE A 679 3.58 9.96 -19.33
N VAL A 680 3.16 11.18 -18.94
CA VAL A 680 3.83 11.95 -17.88
C VAL A 680 2.77 12.22 -16.83
N TYR A 681 3.00 11.69 -15.64
CA TYR A 681 2.04 11.79 -14.56
C TYR A 681 2.59 12.62 -13.42
N HIS A 682 1.72 13.39 -12.77
CA HIS A 682 2.03 14.08 -11.52
C HIS A 682 1.16 13.44 -10.45
N ARG A 683 1.70 12.39 -9.83
CA ARG A 683 0.96 11.69 -8.78
C ARG A 683 1.17 12.42 -7.46
N PHE A 684 0.11 12.52 -6.66
CA PHE A 684 0.27 13.24 -5.39
C PHE A 684 1.34 12.62 -4.51
N TRP A 685 1.24 11.29 -4.24
CA TRP A 685 2.20 10.68 -3.30
C TRP A 685 3.61 10.77 -3.85
N SER A 686 3.76 10.63 -5.16
CA SER A 686 5.10 10.67 -5.74
C SER A 686 5.74 12.03 -5.56
N GLN A 687 4.95 13.10 -5.76
CA GLN A 687 5.48 14.45 -5.63
C GLN A 687 5.80 14.77 -4.18
N VAL A 688 5.00 14.22 -3.26
CA VAL A 688 5.36 14.35 -1.82
C VAL A 688 6.62 13.56 -1.51
N ASP A 689 6.77 12.30 -2.01
CA ASP A 689 8.05 11.60 -1.76
C ASP A 689 9.24 12.46 -2.21
N MET A 690 9.14 13.08 -3.39
CA MET A 690 10.21 13.96 -3.86
C MET A 690 10.39 15.18 -2.94
N ALA A 691 9.29 15.90 -2.65
CA ALA A 691 9.41 17.10 -1.84
C ALA A 691 10.05 16.78 -0.50
N THR A 692 9.60 15.71 0.14
CA THR A 692 10.12 15.38 1.47
C THR A 692 11.57 14.91 1.42
N ALA A 693 12.02 14.36 0.27
CA ALA A 693 13.43 14.04 0.10
C ALA A 693 14.32 15.32 0.12
N TYR A 694 13.91 16.38 -0.59
CA TYR A 694 14.66 17.66 -0.50
C TYR A 694 14.72 18.15 0.94
N ALA A 695 13.57 18.15 1.61
CA ALA A 695 13.51 18.63 3.00
C ALA A 695 14.38 17.78 3.94
N GLU A 696 14.32 16.45 3.82
CA GLU A 696 15.08 15.66 4.78
C GLU A 696 16.55 15.64 4.48
N TYR A 697 16.95 15.81 3.22
CA TYR A 697 18.36 16.01 2.95
C TYR A 697 18.83 17.28 3.64
N ASP A 698 18.04 18.34 3.52
CA ASP A 698 18.39 19.60 4.19
C ASP A 698 18.55 19.41 5.70
N ARG A 699 17.58 18.72 6.32
CA ARG A 699 17.56 18.59 7.77
C ARG A 699 18.71 17.72 8.26
N LEU A 700 18.96 16.60 7.61
CA LEU A 700 19.82 15.58 8.18
C LEU A 700 21.24 15.58 7.62
N ILE A 701 21.42 16.02 6.38
CA ILE A 701 22.75 16.14 5.80
C ILE A 701 23.21 17.60 5.79
N GLY A 702 22.33 18.52 5.40
CA GLY A 702 22.69 19.92 5.42
C GLY A 702 23.86 20.19 4.50
N ASN A 703 24.90 20.81 5.05
CA ASN A 703 26.11 21.13 4.29
C ASN A 703 27.22 20.08 4.38
N ALA A 704 26.93 18.89 4.87
CA ALA A 704 27.97 17.88 4.99
C ALA A 704 28.25 17.25 3.63
C2 BGC B . 4.07 0.32 -10.68
C3 BGC B . 2.83 0.77 -10.00
C4 BGC B . 3.01 2.14 -9.32
C5 BGC B . 3.48 3.14 -10.41
C6 BGC B . 3.77 4.52 -9.88
C1 BGC B . 4.37 1.39 -11.71
O1 BGC B . 5.44 1.03 -12.39
O2 BGC B . 3.81 -0.88 -11.43
O3 BGC B . 2.38 -0.27 -9.06
O4 BGC B . 1.72 2.59 -8.88
O5 BGC B . 4.75 2.58 -10.89
O6 BGC B . 4.79 4.48 -8.88
C2 BGC B . 0.47 3.51 -7.09
C3 BGC B . 0.27 3.45 -5.58
C4 BGC B . 0.16 2.03 -5.08
C5 BGC B . 1.42 1.29 -5.49
C6 BGC B . 1.45 -0.16 -5.06
C1 BGC B . 1.69 2.70 -7.47
O2 BGC B . 0.66 4.85 -7.57
O3 BGC B . -0.97 4.16 -5.31
O4 BGC B . 0.06 2.05 -3.62
O5 BGC B . 1.50 1.35 -6.95
O6 BGC B . 0.24 -0.81 -5.47
C2 BGC C . -4.83 -2.63 -1.98
C3 BGC C . -6.17 -3.30 -2.05
C4 BGC C . -7.01 -3.22 -0.83
C5 BGC C . -7.06 -1.80 -0.30
C6 BGC C . -7.57 -1.73 1.12
C1 BGC C . -4.96 -1.23 -1.44
O1 BGC C . -3.70 -0.75 -1.20
O2 BGC C . -4.14 -2.58 -3.26
O3 BGC C . -6.01 -4.67 -2.42
O4 BGC C . -8.34 -3.59 -1.27
O5 BGC C . -5.70 -1.28 -0.20
O6 BGC C . -6.84 -2.69 1.89
C2 BGC C . -10.55 -4.27 -0.44
C3 BGC C . -11.14 -5.26 0.52
C4 BGC C . -10.79 -6.68 0.20
C5 BGC C . -9.28 -6.83 0.01
C6 BGC C . -8.93 -8.19 -0.57
C1 BGC C . -9.01 -4.49 -0.42
O2 BGC C . -10.82 -2.94 0.10
O3 BGC C . -12.58 -5.08 0.66
O4 BGC C . -11.08 -7.57 1.28
O5 BGC C . -8.81 -5.85 -0.97
O6 BGC C . -7.53 -8.17 -0.90
C2 BGC C . -12.34 -9.36 2.12
C3 BGC C . -13.68 -9.98 2.14
C4 BGC C . -14.73 -9.01 2.58
C5 BGC C . -14.67 -7.71 1.76
C6 BGC C . -15.44 -6.57 2.43
C1 BGC C . -12.31 -8.18 1.18
O2 BGC C . -11.33 -10.32 1.72
O3 BGC C . -13.68 -11.12 3.08
O4 BGC C . -16.04 -9.62 2.34
O5 BGC C . -13.29 -7.19 1.65
O6 BGC C . -15.64 -5.52 1.49
C2 BGC C . -18.31 -9.67 3.01
C3 BGC C . -19.25 -9.72 4.13
C4 BGC C . -18.91 -10.82 5.08
C5 BGC C . -17.43 -10.70 5.59
C6 BGC C . -17.05 -11.82 6.40
C1 BGC C . -16.89 -9.54 3.49
O2 BGC C . -18.61 -8.51 2.13
O3 BGC C . -20.63 -10.00 3.59
O4 BGC C . -19.78 -10.79 6.21
O5 BGC C . -16.54 -10.65 4.37
O6 BGC C . -16.76 -12.98 5.61
C1 EDO D . -3.26 1.75 -3.28
O1 EDO D . -2.26 0.75 -3.30
C2 EDO D . -3.06 2.66 -2.06
O2 EDO D . -3.46 1.94 -0.91
C1 EDO E . 6.33 4.01 -13.39
O1 EDO E . 5.51 3.07 -14.10
C2 EDO E . 7.80 3.65 -13.66
O2 EDO E . 8.04 2.27 -13.44
C1 EDO F . 7.12 -13.87 -9.16
O1 EDO F . 7.33 -13.45 -10.49
C2 EDO F . 8.44 -13.92 -8.38
O2 EDO F . 9.12 -12.68 -8.43
C1 EDO G . -17.54 5.30 -15.65
O1 EDO G . -18.16 5.16 -16.92
C2 EDO G . -18.29 4.34 -14.72
O2 EDO G . -19.48 4.94 -14.31
C1 EDO H . 2.09 -4.28 -4.06
O1 EDO H . 1.00 -3.40 -3.87
C2 EDO H . 3.11 -3.90 -5.14
O2 EDO H . 2.57 -4.15 -6.44
C1 EDO I . 9.48 -19.47 16.02
O1 EDO I . 8.11 -19.75 15.78
C2 EDO I . 9.86 -18.05 15.50
O2 EDO I . 9.75 -18.15 14.09
C1 EDO J . 4.00 -18.53 -2.51
O1 EDO J . 5.36 -18.19 -2.30
C2 EDO J . 3.25 -17.52 -3.39
O2 EDO J . 3.13 -16.32 -2.66
C1 EDO K . -19.30 0.43 -11.85
O1 EDO K . -18.80 -0.87 -11.70
C2 EDO K . -18.95 0.93 -13.27
O2 EDO K . -19.79 0.30 -14.26
C1 EDO L . -0.99 -4.16 -13.33
O1 EDO L . -0.86 -3.69 -14.66
C2 EDO L . -1.14 -3.03 -12.29
O2 EDO L . -0.02 -2.16 -12.39
C1 EDO M . 31.35 15.00 0.60
O1 EDO M . 30.19 15.65 1.08
C2 EDO M . 32.47 15.10 1.64
O2 EDO M . 32.28 14.15 2.66
C1 EDO N . -10.34 -11.94 -0.94
O1 EDO N . -9.87 -11.03 -1.91
C2 EDO N . -11.73 -12.43 -1.40
O2 EDO N . -12.13 -13.48 -0.61
C1 EDO O . -26.00 4.66 -3.90
O1 EDO O . -24.74 5.14 -3.47
C2 EDO O . -26.69 4.02 -2.69
O2 EDO O . -26.10 2.76 -2.36
CA CA P . -5.92 -11.87 -13.34
#